data_8SKT
#
_entry.id   8SKT
#
_cell.length_a   78.026
_cell.length_b   98.394
_cell.length_c   142.589
_cell.angle_alpha   90.000
_cell.angle_beta   90.000
_cell.angle_gamma   90.000
#
_symmetry.space_group_name_H-M   'P 21 21 21'
#
loop_
_entity.id
_entity.type
_entity.pdbx_description
1 polymer 'Cyclic GMP-AMP synthase'
2 polymer 'Palindromic DNA18'
3 non-polymer "ADENOSINE-5'-TRIPHOSPHATE"
4 non-polymer 'ZINC ION'
5 non-polymer 'MANGANESE (II) ION'
6 water water
#
loop_
_entity_poly.entity_id
_entity_poly.type
_entity_poly.pdbx_seq_one_letter_code
_entity_poly.pdbx_strand_id
1 'polypeptide(L)'
;GTGPDKLKKVLDKLRLKRKDISEAAETVNKVVERLLRRMQKRESEFKGVEQLNTGSYYEHVKISAPNEFDVMFKLEVPRI
ELQEYYETGAFYLVKFKRIPRGNPLSHFLEGEVLSATKMLSKFRKIIKEEVKEIKDIDVSVEKEKPGSPAVTLLIRNPEE
ISVDIILALESKGSWPISTKEGLPIQGWLGTKVRTNLRREPFYLVPKNAKDGNSFQGETWRLSFSHTEKYILNNHGIEKT
CCESSGAKCCRKECLKLMKYLLEQLKKEFQELDAFCSYHVKTAIFHMWTQDPQDSQWDPRNLSSCFDKLLAFFLECLRTE
KLDHYFIPKFNLFSQELIDRKSKEFLSKKIEYERNNGFPIFDKL
;
A,C
2 'polydeoxyribonucleotide' (DA)(DT)(DC)(DT)(DG)(DT)(DA)(DC)(DA)(DT)(DG)(DT)(DA)(DC)(DA)(DG)(DA)(DT) E,F,I,J
#
loop_
_chem_comp.id
_chem_comp.type
_chem_comp.name
_chem_comp.formula
ATP non-polymer ADENOSINE-5'-TRIPHOSPHATE 'C10 H16 N5 O13 P3'
DA DNA linking 2'-DEOXYADENOSINE-5'-MONOPHOSPHATE 'C10 H14 N5 O6 P'
DC DNA linking 2'-DEOXYCYTIDINE-5'-MONOPHOSPHATE 'C9 H14 N3 O7 P'
DG DNA linking 2'-DEOXYGUANOSINE-5'-MONOPHOSPHATE 'C10 H14 N5 O7 P'
DT DNA linking THYMIDINE-5'-MONOPHOSPHATE 'C10 H15 N2 O8 P'
MN non-polymer 'MANGANESE (II) ION' 'Mn 2'
ZN non-polymer 'ZINC ION' 'Zn 2'
#
# COMPACT_ATOMS: atom_id res chain seq x y z
N ASP A 5 -33.78 7.34 2.02
CA ASP A 5 -34.80 7.14 0.99
C ASP A 5 -34.90 8.36 0.08
N LYS A 6 -35.09 9.52 0.71
CA LYS A 6 -34.96 10.82 0.03
C LYS A 6 -33.67 10.89 -0.81
N LEU A 7 -32.51 10.73 -0.18
CA LEU A 7 -31.26 10.89 -0.91
C LEU A 7 -30.83 9.63 -1.63
N LYS A 8 -31.35 8.48 -1.20
CA LYS A 8 -31.05 7.26 -1.93
C LYS A 8 -31.57 7.34 -3.37
N LYS A 9 -32.70 8.01 -3.60
CA LYS A 9 -33.20 8.18 -4.96
C LYS A 9 -32.43 9.24 -5.74
N VAL A 10 -31.84 10.24 -5.07
CA VAL A 10 -30.96 11.16 -5.78
C VAL A 10 -29.73 10.43 -6.29
N LEU A 11 -29.12 9.61 -5.45
CA LEU A 11 -27.96 8.83 -5.88
C LEU A 11 -28.30 7.91 -7.05
N ASP A 12 -29.51 7.34 -7.06
CA ASP A 12 -29.95 6.56 -8.20
C ASP A 12 -29.97 7.40 -9.47
N LYS A 13 -30.45 8.62 -9.36
CA LYS A 13 -30.36 9.54 -10.49
C LYS A 13 -28.91 9.72 -10.92
N LEU A 14 -28.03 10.07 -9.97
CA LEU A 14 -26.62 10.33 -10.27
C LEU A 14 -25.85 9.11 -10.78
N ARG A 15 -26.37 7.90 -10.64
CA ARG A 15 -25.62 6.72 -11.03
C ARG A 15 -25.36 6.70 -12.53
N LEU A 16 -24.10 6.49 -12.90
CA LEU A 16 -23.73 6.28 -14.29
C LEU A 16 -24.25 4.95 -14.80
N LYS A 17 -24.52 4.89 -16.09
CA LYS A 17 -25.02 3.70 -16.75
C LYS A 17 -23.91 3.04 -17.57
N ARG A 18 -23.79 1.72 -17.43
CA ARG A 18 -22.72 0.97 -18.09
C ARG A 18 -22.69 1.20 -19.60
N LYS A 19 -23.85 1.42 -20.21
CA LYS A 19 -23.92 1.64 -21.66
C LYS A 19 -23.22 2.95 -22.02
N ASP A 20 -23.55 4.02 -21.30
CA ASP A 20 -22.90 5.30 -21.53
C ASP A 20 -21.41 5.22 -21.20
N ILE A 21 -21.06 4.42 -20.18
CA ILE A 21 -19.66 4.30 -19.81
C ILE A 21 -18.87 3.64 -20.94
N SER A 22 -19.39 2.53 -21.47
CA SER A 22 -18.79 1.81 -22.58
C SER A 22 -18.54 2.73 -23.77
N GLU A 23 -19.60 3.40 -24.21
CA GLU A 23 -19.51 4.27 -25.37
C GLU A 23 -18.56 5.43 -25.11
N ALA A 24 -18.70 6.11 -23.98
CA ALA A 24 -17.80 7.22 -23.70
C ALA A 24 -16.37 6.74 -23.51
N ALA A 25 -16.18 5.63 -22.79
CA ALA A 25 -14.84 5.10 -22.59
C ALA A 25 -14.22 4.59 -23.91
N GLU A 26 -15.04 3.99 -24.78
CA GLU A 26 -14.53 3.52 -26.07
C GLU A 26 -13.91 4.67 -26.87
N THR A 27 -14.69 5.72 -27.12
CA THR A 27 -14.19 6.88 -27.85
C THR A 27 -13.01 7.53 -27.12
N VAL A 28 -13.16 7.80 -25.81
CA VAL A 28 -12.16 8.60 -25.10
C VAL A 28 -10.81 7.90 -25.11
N ASN A 29 -10.80 6.58 -24.88
CA ASN A 29 -9.54 5.85 -24.89
C ASN A 29 -8.88 5.90 -26.27
N LYS A 30 -9.68 5.86 -27.34
CA LYS A 30 -9.14 5.97 -28.69
C LYS A 30 -8.38 7.29 -28.89
N VAL A 31 -9.03 8.42 -28.57
CA VAL A 31 -8.36 9.69 -28.78
C VAL A 31 -7.13 9.81 -27.90
N VAL A 32 -7.23 9.42 -26.62
CA VAL A 32 -6.11 9.59 -25.70
C VAL A 32 -4.93 8.74 -26.14
N GLU A 33 -5.20 7.52 -26.62
CA GLU A 33 -4.15 6.65 -27.16
C GLU A 33 -3.39 7.33 -28.28
N ARG A 34 -4.11 7.90 -29.25
CA ARG A 34 -3.46 8.53 -30.39
C ARG A 34 -2.63 9.73 -29.94
N LEU A 35 -3.20 10.55 -29.07
CA LEU A 35 -2.48 11.71 -28.55
C LEU A 35 -1.22 11.28 -27.79
N LEU A 36 -1.31 10.20 -27.01
CA LEU A 36 -0.12 9.73 -26.29
C LEU A 36 0.94 9.24 -27.26
N ARG A 37 0.52 8.56 -28.33
CA ARG A 37 1.44 8.05 -29.35
C ARG A 37 2.19 9.18 -30.04
N ARG A 38 1.45 10.14 -30.60
CA ARG A 38 2.06 11.27 -31.29
C ARG A 38 3.09 11.98 -30.41
N MET A 39 2.78 12.13 -29.12
CA MET A 39 3.72 12.69 -28.15
C MET A 39 5.07 11.97 -28.18
N GLN A 40 5.07 10.67 -28.47
CA GLN A 40 6.28 9.86 -28.46
C GLN A 40 7.10 9.98 -29.73
N LYS A 41 6.49 10.40 -30.83
CA LYS A 41 7.10 10.27 -32.14
C LYS A 41 8.08 11.40 -32.44
N ARG A 42 8.89 11.18 -33.47
CA ARG A 42 9.85 12.12 -34.09
C ARG A 42 10.84 12.63 -33.05
N GLU A 43 11.23 13.89 -33.20
CA GLU A 43 11.92 14.63 -32.14
C GLU A 43 10.90 15.57 -31.48
N SER A 44 9.95 14.94 -30.82
CA SER A 44 9.00 15.65 -29.98
C SER A 44 9.66 15.94 -28.63
N GLU A 45 9.41 17.15 -28.12
CA GLU A 45 9.94 17.52 -26.81
C GLU A 45 9.28 16.71 -25.70
N PHE A 46 8.15 16.09 -25.97
CA PHE A 46 7.35 15.40 -24.98
C PHE A 46 7.51 13.89 -25.08
N LYS A 47 8.47 13.42 -25.88
CA LYS A 47 8.79 12.01 -25.90
C LYS A 47 9.18 11.55 -24.49
N GLY A 48 8.71 10.37 -24.10
CA GLY A 48 8.84 9.90 -22.74
C GLY A 48 7.64 10.18 -21.86
N VAL A 49 6.75 11.09 -22.27
CA VAL A 49 5.59 11.46 -21.46
C VAL A 49 4.80 10.21 -21.15
N GLU A 50 4.22 10.17 -19.96
CA GLU A 50 3.45 9.01 -19.51
C GLU A 50 2.06 9.45 -19.08
N GLN A 51 1.14 8.49 -19.06
CA GLN A 51 -0.27 8.77 -18.85
C GLN A 51 -0.72 8.39 -17.44
N LEU A 52 -1.48 9.29 -16.79
CA LEU A 52 -2.15 9.04 -15.52
C LEU A 52 -3.59 9.50 -15.60
N ASN A 53 -4.52 8.57 -15.48
CA ASN A 53 -5.93 8.92 -15.38
C ASN A 53 -6.24 9.39 -13.95
N THR A 54 -6.92 10.53 -13.83
CA THR A 54 -7.24 11.11 -12.53
C THR A 54 -8.64 11.72 -12.58
N GLY A 55 -9.10 12.18 -11.42
CA GLY A 55 -10.34 12.89 -11.39
C GLY A 55 -11.52 12.00 -11.15
N SER A 56 -12.71 12.60 -11.29
CA SER A 56 -13.91 11.97 -10.74
C SER A 56 -14.16 10.62 -11.39
N TYR A 57 -14.03 10.54 -12.72
CA TYR A 57 -14.46 9.33 -13.41
C TYR A 57 -13.64 8.13 -12.98
N TYR A 58 -12.37 8.35 -12.72
CA TYR A 58 -11.46 7.29 -12.29
C TYR A 58 -11.47 7.08 -10.78
N GLU A 59 -12.15 7.94 -10.03
CA GLU A 59 -12.35 7.73 -8.62
C GLU A 59 -13.71 7.10 -8.33
N HIS A 60 -14.53 6.91 -9.37
CA HIS A 60 -15.92 6.48 -9.25
C HIS A 60 -16.74 7.44 -8.40
N VAL A 61 -16.56 8.76 -8.62
CA VAL A 61 -17.46 9.75 -8.01
C VAL A 61 -17.95 10.73 -9.07
N LYS A 62 -17.65 10.45 -10.35
CA LYS A 62 -18.30 11.17 -11.44
C LYS A 62 -19.81 10.93 -11.44
N ILE A 63 -20.59 12.02 -11.53
CA ILE A 63 -22.04 11.94 -11.35
C ILE A 63 -22.76 12.34 -12.63
N SER A 64 -24.04 11.93 -12.70
CA SER A 64 -24.99 12.25 -13.77
C SER A 64 -24.67 11.61 -15.12
N ALA A 65 -23.45 11.75 -15.64
CA ALA A 65 -23.13 11.20 -16.95
C ALA A 65 -21.63 11.09 -17.10
N PRO A 66 -21.15 10.09 -17.81
CA PRO A 66 -19.69 10.02 -18.06
C PRO A 66 -19.32 10.99 -19.19
N ASN A 67 -19.31 12.27 -18.87
CA ASN A 67 -19.11 13.29 -19.90
C ASN A 67 -17.96 14.25 -19.61
N GLU A 68 -17.16 14.01 -18.57
CA GLU A 68 -15.93 14.78 -18.39
C GLU A 68 -14.87 13.86 -17.80
N PHE A 69 -13.72 13.81 -18.46
CA PHE A 69 -12.63 12.90 -18.13
C PHE A 69 -11.37 13.72 -17.94
N ASP A 70 -10.56 13.41 -16.95
CA ASP A 70 -9.33 14.17 -16.76
C ASP A 70 -8.15 13.20 -16.84
N VAL A 71 -7.18 13.52 -17.69
CA VAL A 71 -6.02 12.66 -17.85
C VAL A 71 -4.78 13.51 -17.84
N MET A 72 -3.73 13.02 -17.21
CA MET A 72 -2.53 13.81 -17.02
C MET A 72 -1.47 13.22 -17.92
N PHE A 73 -0.79 14.07 -18.70
CA PHE A 73 0.39 13.69 -19.46
C PHE A 73 1.58 14.22 -18.70
N LYS A 74 2.29 13.31 -18.04
CA LYS A 74 3.31 13.67 -17.06
C LYS A 74 4.69 13.40 -17.64
N LEU A 75 5.59 14.35 -17.47
CA LEU A 75 6.94 14.27 -18.02
C LEU A 75 7.93 14.28 -16.86
N GLU A 76 8.70 13.21 -16.73
CA GLU A 76 9.69 13.15 -15.66
C GLU A 76 10.83 14.12 -15.97
N VAL A 77 11.04 15.09 -15.07
CA VAL A 77 12.09 16.10 -15.22
C VAL A 77 13.12 15.87 -14.12
N PRO A 78 14.27 15.30 -14.45
CA PRO A 78 15.31 15.09 -13.42
C PRO A 78 15.93 16.40 -12.97
N ARG A 79 17.06 16.34 -12.24
CA ARG A 79 17.88 17.50 -11.86
C ARG A 79 17.10 18.82 -11.89
N ILE A 80 16.34 19.10 -10.85
CA ILE A 80 15.42 20.23 -10.88
C ILE A 80 15.40 20.84 -9.50
N GLU A 81 15.45 22.17 -9.42
CA GLU A 81 15.17 22.82 -8.15
C GLU A 81 14.05 23.82 -8.36
N LEU A 82 13.50 24.28 -7.24
CA LEU A 82 12.20 24.95 -7.19
C LEU A 82 12.34 26.22 -6.39
N GLN A 83 11.87 27.34 -6.95
CA GLN A 83 11.74 28.59 -6.21
C GLN A 83 10.28 28.76 -5.86
N GLU A 84 9.95 28.65 -4.57
CA GLU A 84 8.58 28.96 -4.15
C GLU A 84 8.24 30.40 -4.52
N TYR A 85 7.05 30.59 -5.06
CA TYR A 85 6.65 31.88 -5.61
C TYR A 85 6.00 32.68 -4.49
N TYR A 86 6.78 33.58 -3.88
CA TYR A 86 6.27 34.56 -2.92
C TYR A 86 5.56 33.91 -1.74
N GLU A 87 6.09 32.81 -1.24
CA GLU A 87 5.57 32.19 -0.02
C GLU A 87 4.10 31.81 -0.13
N THR A 88 3.59 31.58 -1.35
CA THR A 88 2.20 31.17 -1.52
C THR A 88 1.96 29.69 -1.27
N GLY A 89 3.00 28.89 -1.11
CA GLY A 89 2.81 27.48 -0.83
C GLY A 89 2.63 26.58 -2.03
N ALA A 90 1.79 27.00 -2.96
CA ALA A 90 1.35 26.13 -4.04
C ALA A 90 1.99 26.45 -5.39
N PHE A 91 2.58 27.64 -5.56
CA PHE A 91 3.11 28.04 -6.85
C PHE A 91 4.62 28.16 -6.80
N TYR A 92 5.27 27.72 -7.89
CA TYR A 92 6.71 27.57 -7.93
C TYR A 92 7.22 27.98 -9.30
N LEU A 93 8.45 28.47 -9.31
CA LEU A 93 9.29 28.54 -10.49
C LEU A 93 10.17 27.30 -10.57
N VAL A 94 10.25 26.70 -11.75
CA VAL A 94 11.15 25.57 -12.01
C VAL A 94 12.44 26.09 -12.63
N LYS A 95 13.57 25.72 -12.06
CA LYS A 95 14.90 26.08 -12.57
C LYS A 95 15.75 24.83 -12.80
N PHE A 96 16.83 25.01 -13.55
CA PHE A 96 17.77 23.93 -13.87
C PHE A 96 19.19 24.38 -13.53
N LYS A 97 19.85 23.65 -12.62
CA LYS A 97 21.28 23.89 -12.37
C LYS A 97 22.10 23.63 -13.62
N ARG A 98 21.96 22.41 -14.17
CA ARG A 98 22.80 21.89 -15.23
C ARG A 98 22.35 22.44 -16.58
N ILE A 99 23.01 21.99 -17.65
CA ILE A 99 22.70 22.46 -19.00
C ILE A 99 22.79 21.28 -19.98
N ASN A 103 19.16 18.56 -23.83
CA ASN A 103 17.93 18.66 -23.05
C ASN A 103 16.76 19.11 -23.91
N PRO A 104 15.87 18.16 -24.27
CA PRO A 104 14.75 18.48 -25.18
C PRO A 104 13.90 19.68 -24.79
N LEU A 105 13.95 20.07 -23.51
CA LEU A 105 13.21 21.24 -23.04
C LEU A 105 13.98 22.54 -23.21
N SER A 106 15.11 22.50 -23.92
CA SER A 106 15.93 23.71 -24.11
C SER A 106 15.12 24.82 -24.74
N HIS A 107 14.27 24.49 -25.72
CA HIS A 107 13.52 25.51 -26.43
C HIS A 107 12.52 26.22 -25.53
N PHE A 108 12.20 25.66 -24.36
CA PHE A 108 11.32 26.31 -23.40
C PHE A 108 12.07 27.04 -22.29
N LEU A 109 13.39 26.88 -22.21
CA LEU A 109 14.17 27.59 -21.22
C LEU A 109 14.06 29.11 -21.42
N GLU A 110 14.19 29.86 -20.31
CA GLU A 110 14.31 31.32 -20.35
C GLU A 110 15.45 31.72 -19.41
N GLY A 111 16.63 31.15 -19.66
CA GLY A 111 17.75 31.31 -18.79
C GLY A 111 17.50 30.72 -17.42
N GLU A 112 17.83 29.43 -17.27
CA GLU A 112 17.70 28.68 -16.02
C GLU A 112 16.24 28.36 -15.69
N VAL A 113 15.31 29.31 -15.90
CA VAL A 113 13.92 29.11 -15.49
C VAL A 113 13.10 28.57 -16.64
N LEU A 114 12.23 27.62 -16.31
CA LEU A 114 11.39 26.93 -17.27
C LEU A 114 10.08 27.68 -17.43
N SER A 115 9.68 27.91 -18.67
CA SER A 115 8.46 28.63 -18.98
C SER A 115 7.27 27.68 -19.01
N ALA A 116 6.20 28.05 -18.30
CA ALA A 116 4.98 27.24 -18.34
C ALA A 116 4.20 27.47 -19.61
N THR A 117 4.04 28.72 -20.03
CA THR A 117 3.20 28.99 -21.20
C THR A 117 3.89 28.58 -22.49
N LYS A 118 5.20 28.83 -22.62
CA LYS A 118 5.93 28.31 -23.77
C LYS A 118 5.76 26.79 -23.89
N MET A 119 5.94 26.08 -22.78
CA MET A 119 5.83 24.63 -22.85
C MET A 119 4.40 24.17 -23.09
N LEU A 120 3.40 24.90 -22.55
CA LEU A 120 2.01 24.54 -22.76
C LEU A 120 1.51 24.95 -24.13
N SER A 121 2.14 25.96 -24.74
CA SER A 121 1.78 26.33 -26.11
C SER A 121 2.21 25.26 -27.09
N LYS A 122 3.49 24.86 -27.05
CA LYS A 122 3.97 23.81 -27.95
C LYS A 122 3.11 22.56 -27.81
N PHE A 123 2.97 22.09 -26.56
CA PHE A 123 2.10 20.98 -26.21
C PHE A 123 0.74 21.11 -26.90
N ARG A 124 0.13 22.27 -26.75
CA ARG A 124 -1.19 22.50 -27.34
C ARG A 124 -1.14 22.45 -28.87
N LYS A 125 -0.10 23.06 -29.47
CA LYS A 125 0.07 23.00 -30.91
C LYS A 125 0.08 21.56 -31.41
N ILE A 126 0.81 20.68 -30.74
CA ILE A 126 0.91 19.28 -31.17
C ILE A 126 -0.46 18.63 -31.10
N ILE A 127 -1.18 18.81 -29.98
CA ILE A 127 -2.52 18.26 -29.85
C ILE A 127 -3.42 18.78 -30.96
N LYS A 128 -3.41 20.09 -31.18
CA LYS A 128 -4.30 20.66 -32.19
C LYS A 128 -4.09 19.96 -33.52
N GLU A 129 -2.82 19.78 -33.90
CA GLU A 129 -2.48 19.17 -35.19
C GLU A 129 -2.94 17.71 -35.23
N GLU A 130 -2.66 16.96 -34.17
CA GLU A 130 -3.03 15.56 -34.17
C GLU A 130 -4.54 15.36 -34.18
N VAL A 131 -5.30 16.30 -33.62
CA VAL A 131 -6.76 16.19 -33.65
C VAL A 131 -7.26 16.37 -35.08
N LYS A 132 -6.57 17.20 -35.87
CA LYS A 132 -6.95 17.42 -37.26
C LYS A 132 -6.97 16.12 -38.06
N GLU A 133 -6.00 15.23 -37.83
CA GLU A 133 -5.89 13.96 -38.52
C GLU A 133 -6.83 12.89 -37.98
N ILE A 134 -7.86 13.26 -37.24
CA ILE A 134 -8.84 12.30 -36.72
C ILE A 134 -10.13 12.49 -37.49
N LYS A 135 -10.46 11.53 -38.35
CA LYS A 135 -11.72 11.51 -39.08
C LYS A 135 -12.71 10.47 -38.56
N ASP A 136 -12.28 9.59 -37.64
CA ASP A 136 -13.16 8.58 -37.06
C ASP A 136 -14.25 9.21 -36.21
N ILE A 137 -13.89 10.19 -35.37
CA ILE A 137 -14.84 10.72 -34.40
C ILE A 137 -14.78 12.24 -34.42
N ASP A 138 -15.88 12.83 -33.94
CA ASP A 138 -16.12 14.26 -34.00
C ASP A 138 -15.47 14.90 -32.78
N VAL A 139 -14.23 15.37 -32.95
CA VAL A 139 -13.46 15.88 -31.82
C VAL A 139 -12.78 17.18 -32.21
N SER A 140 -12.90 18.19 -31.35
CA SER A 140 -12.22 19.48 -31.53
C SER A 140 -11.54 19.87 -30.22
N VAL A 141 -10.68 20.88 -30.30
CA VAL A 141 -9.94 21.40 -29.14
C VAL A 141 -10.61 22.66 -28.64
N GLU A 142 -10.97 22.69 -27.36
CA GLU A 142 -11.62 23.87 -26.81
C GLU A 142 -10.69 25.09 -26.85
N LYS A 143 -11.29 26.26 -26.95
CA LYS A 143 -10.52 27.50 -26.90
C LYS A 143 -9.86 27.65 -25.53
N GLU A 144 -8.62 28.17 -25.50
CA GLU A 144 -7.86 28.17 -24.26
C GLU A 144 -8.54 29.03 -23.20
N LYS A 145 -8.64 28.49 -22.00
CA LYS A 145 -9.24 29.14 -20.87
C LYS A 145 -8.16 29.62 -19.91
N PRO A 146 -8.32 30.81 -19.34
CA PRO A 146 -7.29 31.31 -18.43
C PRO A 146 -7.32 30.55 -17.10
N GLY A 147 -6.12 30.33 -16.54
CA GLY A 147 -5.98 29.54 -15.34
C GLY A 147 -6.04 28.04 -15.55
N SER A 148 -6.30 27.59 -16.77
CA SER A 148 -6.39 26.15 -16.97
C SER A 148 -5.03 25.58 -17.39
N PRO A 149 -4.56 24.54 -16.70
CA PRO A 149 -3.36 23.81 -17.17
C PRO A 149 -3.65 22.76 -18.23
N ALA A 150 -4.86 22.78 -18.80
CA ALA A 150 -5.33 21.69 -19.63
C ALA A 150 -5.42 22.10 -21.10
N VAL A 151 -5.44 21.09 -21.94
CA VAL A 151 -5.87 21.25 -23.32
C VAL A 151 -7.14 20.41 -23.43
N THR A 152 -8.29 21.08 -23.48
CA THR A 152 -9.58 20.41 -23.38
C THR A 152 -10.05 19.98 -24.76
N LEU A 153 -10.41 18.70 -24.87
CA LEU A 153 -11.03 18.16 -26.05
C LEU A 153 -12.54 18.15 -25.87
N LEU A 154 -13.23 18.56 -26.91
CA LEU A 154 -14.69 18.56 -26.92
C LEU A 154 -15.13 17.53 -27.96
N ILE A 155 -15.71 16.43 -27.49
CA ILE A 155 -16.09 15.28 -28.33
C ILE A 155 -17.60 15.24 -28.45
N ARG A 156 -18.09 15.13 -29.69
CA ARG A 156 -19.50 14.88 -29.94
C ARG A 156 -19.61 13.41 -30.33
N ASN A 157 -19.91 12.57 -29.35
CA ASN A 157 -20.00 11.14 -29.51
C ASN A 157 -21.47 10.80 -29.57
N PRO A 158 -22.17 11.16 -30.61
CA PRO A 158 -23.34 12.04 -30.43
C PRO A 158 -23.19 12.90 -29.18
N GLU A 159 -23.46 12.33 -28.00
CA GLU A 159 -23.41 13.10 -26.75
C GLU A 159 -22.08 13.81 -26.55
N GLU A 160 -22.14 14.93 -25.83
CA GLU A 160 -20.94 15.74 -25.64
C GLU A 160 -20.11 15.20 -24.48
N ILE A 161 -18.79 15.30 -24.62
CA ILE A 161 -17.83 14.75 -23.66
C ILE A 161 -16.61 15.64 -23.62
N SER A 162 -16.23 16.12 -22.42
CA SER A 162 -15.01 16.90 -22.25
C SER A 162 -13.88 16.00 -21.78
N VAL A 163 -12.69 16.26 -22.30
CA VAL A 163 -11.48 15.58 -21.84
C VAL A 163 -10.41 16.63 -21.57
N ASP A 164 -9.94 16.70 -20.34
CA ASP A 164 -8.86 17.61 -20.00
C ASP A 164 -7.55 16.86 -20.11
N ILE A 165 -6.77 17.14 -21.15
CA ILE A 165 -5.40 16.67 -21.19
C ILE A 165 -4.57 17.63 -20.36
N ILE A 166 -4.12 17.19 -19.19
CA ILE A 166 -3.37 18.04 -18.28
C ILE A 166 -1.89 17.76 -18.47
N LEU A 167 -1.11 18.80 -18.70
CA LEU A 167 0.33 18.69 -18.83
C LEU A 167 0.99 18.84 -17.46
N ALA A 168 1.86 17.90 -17.11
CA ALA A 168 2.46 17.93 -15.78
C ALA A 168 3.94 17.58 -15.85
N LEU A 169 4.74 18.33 -15.10
CA LEU A 169 6.10 17.90 -14.77
C LEU A 169 6.06 16.87 -13.66
N GLU A 170 6.99 15.90 -13.70
CA GLU A 170 7.13 14.89 -12.65
C GLU A 170 8.49 14.98 -11.99
N SER A 171 8.51 15.18 -10.67
CA SER A 171 9.73 15.13 -9.87
C SER A 171 9.62 14.02 -8.84
N LYS A 172 10.67 13.21 -8.74
CA LYS A 172 10.67 12.08 -7.83
C LYS A 172 11.30 12.37 -6.48
N GLY A 173 11.80 13.59 -6.28
CA GLY A 173 12.39 13.95 -5.01
C GLY A 173 11.34 14.14 -3.95
N SER A 174 11.81 14.41 -2.74
CA SER A 174 10.88 14.58 -1.65
C SER A 174 10.04 15.83 -1.91
N TRP A 175 8.78 15.78 -1.50
CA TRP A 175 7.84 16.87 -1.73
C TRP A 175 8.35 18.17 -1.09
N PRO A 176 7.87 19.32 -1.58
CA PRO A 176 8.33 20.60 -1.03
C PRO A 176 7.81 20.87 0.37
N ILE A 177 8.64 21.58 1.15
CA ILE A 177 8.40 21.71 2.59
C ILE A 177 7.06 22.34 2.92
N SER A 178 6.46 23.05 1.97
CA SER A 178 5.14 23.61 2.24
C SER A 178 4.09 22.54 2.38
N THR A 179 4.43 21.27 2.12
CA THR A 179 3.52 20.16 2.32
C THR A 179 3.88 19.29 3.53
N LYS A 180 4.92 19.68 4.29
CA LYS A 180 5.28 18.87 5.46
C LYS A 180 4.08 18.65 6.35
N GLU A 181 3.37 19.72 6.72
CA GLU A 181 2.23 19.59 7.61
C GLU A 181 0.95 19.26 6.88
N GLY A 182 1.03 18.97 5.57
CA GLY A 182 -0.14 18.60 4.81
C GLY A 182 -0.38 17.10 4.86
N LEU A 183 -1.45 16.68 4.21
CA LEU A 183 -1.85 15.28 4.15
C LEU A 183 -1.96 14.69 5.56
N PRO A 184 -2.84 15.23 6.40
CA PRO A 184 -2.87 14.87 7.84
C PRO A 184 -3.70 13.62 8.12
N ILE A 185 -3.28 12.49 7.57
CA ILE A 185 -4.02 11.23 7.54
C ILE A 185 -3.58 10.24 8.64
N GLN A 186 -2.73 10.68 9.58
CA GLN A 186 -2.14 9.78 10.58
C GLN A 186 -3.20 9.04 11.40
N GLY A 187 -4.24 9.72 11.84
CA GLY A 187 -5.22 9.02 12.63
C GLY A 187 -6.31 8.37 11.83
N TRP A 188 -6.21 8.39 10.50
CA TRP A 188 -7.25 7.88 9.62
C TRP A 188 -6.68 6.79 8.71
N LEU A 189 -5.83 7.14 7.76
CA LEU A 189 -5.19 6.10 6.97
C LEU A 189 -3.85 5.66 7.56
N GLY A 190 -3.29 6.46 8.49
CA GLY A 190 -2.16 6.03 9.29
C GLY A 190 -0.80 6.50 8.77
N THR A 191 0.24 6.15 9.53
CA THR A 191 1.55 6.68 9.21
C THR A 191 2.28 5.91 8.10
N LYS A 192 2.07 4.59 7.99
CA LYS A 192 2.72 3.88 6.89
C LYS A 192 2.09 4.28 5.55
N VAL A 193 0.77 4.49 5.51
CA VAL A 193 0.16 4.98 4.28
C VAL A 193 0.73 6.36 3.93
N ARG A 194 0.81 7.26 4.91
CA ARG A 194 1.36 8.59 4.65
C ARG A 194 2.80 8.54 4.15
N THR A 195 3.63 7.69 4.73
CA THR A 195 5.01 7.63 4.28
C THR A 195 5.09 7.13 2.84
N ASN A 196 4.34 6.07 2.52
CA ASN A 196 4.39 5.56 1.16
C ASN A 196 3.90 6.59 0.16
N LEU A 197 2.74 7.19 0.41
CA LEU A 197 2.23 8.24 -0.46
C LEU A 197 3.28 9.32 -0.70
N ARG A 198 3.99 9.73 0.35
CA ARG A 198 4.95 10.80 0.18
C ARG A 198 6.24 10.32 -0.47
N ARG A 199 6.36 9.02 -0.74
CA ARG A 199 7.44 8.52 -1.57
C ARG A 199 7.06 8.51 -3.04
N GLU A 200 5.77 8.66 -3.34
CA GLU A 200 5.36 8.86 -4.70
C GLU A 200 5.90 10.19 -5.20
N PRO A 201 6.01 10.33 -6.51
CA PRO A 201 6.45 11.62 -7.07
C PRO A 201 5.44 12.72 -6.77
N PHE A 202 5.88 13.95 -6.96
CA PHE A 202 4.94 15.06 -6.96
C PHE A 202 4.87 15.68 -8.35
N TYR A 203 3.81 16.46 -8.60
CA TYR A 203 3.60 16.96 -9.96
C TYR A 203 3.46 18.47 -9.97
N LEU A 204 3.78 19.07 -11.11
CA LEU A 204 3.69 20.50 -11.31
C LEU A 204 2.91 20.74 -12.59
N VAL A 205 1.85 21.53 -12.49
CA VAL A 205 1.08 21.86 -13.68
C VAL A 205 1.17 23.35 -13.88
N PRO A 206 1.03 23.84 -15.12
CA PRO A 206 1.13 25.28 -15.35
C PRO A 206 0.01 26.02 -14.66
N LYS A 207 0.36 27.10 -13.95
CA LYS A 207 -0.65 27.99 -13.39
C LYS A 207 -1.44 28.66 -14.49
N ASN A 208 -0.75 29.14 -15.53
CA ASN A 208 -1.32 29.75 -16.73
C ASN A 208 -2.44 30.75 -16.40
N ALA A 209 -2.18 31.62 -15.44
CA ALA A 209 -3.06 32.75 -15.28
C ALA A 209 -2.80 33.75 -16.40
N LYS A 210 -3.67 34.73 -16.50
CA LYS A 210 -3.38 35.86 -17.37
C LYS A 210 -3.61 37.18 -16.63
N ASP A 211 -3.50 37.13 -15.29
CA ASP A 211 -3.77 38.29 -14.45
C ASP A 211 -2.83 39.47 -14.72
N GLY A 212 -1.74 39.25 -15.46
CA GLY A 212 -0.79 40.30 -15.74
C GLY A 212 0.24 40.54 -14.66
N ASN A 213 0.29 39.67 -13.65
CA ASN A 213 1.26 39.85 -12.58
C ASN A 213 2.63 39.33 -13.01
N SER A 214 3.65 39.77 -12.30
CA SER A 214 4.98 39.28 -12.64
C SER A 214 5.03 37.77 -12.50
N PHE A 215 5.99 37.17 -13.21
CA PHE A 215 6.29 35.73 -13.20
C PHE A 215 5.23 34.86 -13.87
N GLN A 216 3.96 35.24 -13.77
CA GLN A 216 2.92 34.44 -14.44
C GLN A 216 3.33 34.20 -15.88
N GLY A 217 3.14 32.97 -16.34
CA GLY A 217 3.71 32.51 -17.57
C GLY A 217 4.93 31.65 -17.37
N GLU A 218 5.61 31.80 -16.23
CA GLU A 218 6.63 30.86 -15.80
C GLU A 218 6.31 30.28 -14.41
N THR A 219 5.05 30.37 -13.99
CA THR A 219 4.60 29.91 -12.68
C THR A 219 3.93 28.55 -12.81
N TRP A 220 4.39 27.59 -12.02
CA TRP A 220 3.80 26.27 -11.96
C TRP A 220 3.08 26.06 -10.63
N ARG A 221 2.18 25.09 -10.62
CA ARG A 221 1.33 24.78 -9.46
C ARG A 221 1.45 23.29 -9.11
N LEU A 222 1.52 23.00 -7.81
CA LEU A 222 1.60 21.60 -7.38
C LEU A 222 0.32 20.86 -7.66
N SER A 223 0.44 19.59 -8.05
CA SER A 223 -0.72 18.73 -8.25
C SER A 223 -0.59 17.43 -7.46
N PHE A 224 -1.69 17.05 -6.81
CA PHE A 224 -1.76 15.83 -6.01
C PHE A 224 -2.93 14.98 -6.43
N SER A 225 -3.33 15.08 -7.71
CA SER A 225 -4.40 14.26 -8.24
C SER A 225 -4.12 12.78 -8.04
N HIS A 226 -2.84 12.38 -8.14
CA HIS A 226 -2.54 10.97 -8.00
C HIS A 226 -2.77 10.49 -6.57
N THR A 227 -2.42 11.33 -5.59
CA THR A 227 -2.62 10.96 -4.21
C THR A 227 -4.10 10.96 -3.86
N GLU A 228 -4.84 11.93 -4.41
CA GLU A 228 -6.27 11.99 -4.16
C GLU A 228 -6.99 10.79 -4.75
N LYS A 229 -6.55 10.34 -5.94
CA LYS A 229 -7.09 9.12 -6.54
C LYS A 229 -6.85 7.94 -5.62
N TYR A 230 -5.63 7.81 -5.08
CA TYR A 230 -5.38 6.73 -4.15
C TYR A 230 -6.32 6.83 -2.95
N ILE A 231 -6.40 8.03 -2.35
CA ILE A 231 -7.22 8.20 -1.15
C ILE A 231 -8.68 7.89 -1.46
N LEU A 232 -9.16 8.32 -2.63
CA LEU A 232 -10.58 8.07 -2.90
C LEU A 232 -10.86 6.59 -3.01
N ASN A 233 -9.91 5.82 -3.49
CA ASN A 233 -10.13 4.39 -3.62
C ASN A 233 -9.52 3.61 -2.46
N ASN A 234 -9.05 4.28 -1.42
CA ASN A 234 -8.61 3.58 -0.21
C ASN A 234 -8.99 4.44 0.99
N HIS A 235 -10.28 4.60 1.23
CA HIS A 235 -10.78 5.71 2.00
C HIS A 235 -11.15 5.36 3.44
N GLY A 236 -10.98 4.10 3.84
CA GLY A 236 -11.42 3.68 5.16
C GLY A 236 -10.31 3.55 6.20
N ILE A 237 -10.71 3.63 7.47
CA ILE A 237 -9.75 3.24 8.49
C ILE A 237 -9.56 1.73 8.49
N GLU A 238 -10.60 0.96 8.16
CA GLU A 238 -10.48 -0.49 8.00
C GLU A 238 -10.13 -0.83 6.56
N LYS A 239 -9.17 -1.75 6.39
CA LYS A 239 -8.72 -2.11 5.06
C LYS A 239 -9.82 -2.70 4.20
N THR A 240 -10.89 -3.23 4.82
CA THR A 240 -11.98 -3.88 4.09
C THR A 240 -13.13 -2.93 3.79
N CYS A 241 -13.02 -1.67 4.18
CA CYS A 241 -14.08 -0.70 3.89
C CYS A 241 -14.47 -0.74 2.42
N CYS A 242 -15.75 -1.04 2.17
CA CYS A 242 -16.39 -1.08 0.85
C CYS A 242 -15.95 -2.25 -0.01
N GLU A 243 -15.17 -3.19 0.52
CA GLU A 243 -14.74 -4.39 -0.18
C GLU A 243 -15.80 -5.49 -0.09
N SER A 244 -15.62 -6.55 -0.89
CA SER A 244 -16.68 -7.55 -0.99
C SER A 244 -16.88 -8.35 0.31
N SER A 245 -15.86 -8.48 1.16
CA SER A 245 -15.99 -9.10 2.48
C SER A 245 -15.94 -8.08 3.61
N GLY A 246 -16.29 -6.84 3.32
CA GLY A 246 -16.19 -5.76 4.26
C GLY A 246 -17.53 -5.09 4.42
N ALA A 247 -17.54 -4.01 5.18
CA ALA A 247 -18.74 -3.21 5.31
C ALA A 247 -18.64 -2.03 4.35
N LYS A 248 -19.79 -1.56 3.93
CA LYS A 248 -19.90 -0.51 2.93
C LYS A 248 -20.14 0.81 3.67
N CYS A 249 -19.40 1.86 3.30
CA CYS A 249 -19.57 3.16 3.94
C CYS A 249 -20.28 4.11 2.97
N CYS A 250 -20.63 5.30 3.44
CA CYS A 250 -21.28 6.27 2.57
C CYS A 250 -20.42 7.50 2.33
N ARG A 251 -19.09 7.33 2.36
CA ARG A 251 -18.18 8.45 2.12
C ARG A 251 -18.30 8.94 0.68
N LYS A 252 -18.17 8.05 -0.31
CA LYS A 252 -18.23 8.50 -1.70
C LYS A 252 -19.62 9.04 -2.05
N GLU A 253 -20.67 8.42 -1.51
CA GLU A 253 -22.03 8.89 -1.76
C GLU A 253 -22.19 10.31 -1.25
N CYS A 254 -21.59 10.63 -0.10
CA CYS A 254 -21.67 12.00 0.40
C CYS A 254 -20.97 12.95 -0.54
N LEU A 255 -19.78 12.58 -1.02
CA LEU A 255 -19.10 13.44 -1.98
C LEU A 255 -19.98 13.66 -3.20
N LYS A 256 -20.67 12.62 -3.66
CA LYS A 256 -21.51 12.76 -4.85
C LYS A 256 -22.61 13.79 -4.62
N LEU A 257 -23.36 13.65 -3.51
CA LEU A 257 -24.44 14.60 -3.23
C LEU A 257 -23.92 16.02 -3.12
N MET A 258 -22.80 16.22 -2.42
CA MET A 258 -22.27 17.57 -2.31
C MET A 258 -21.87 18.10 -3.66
N LYS A 259 -21.20 17.26 -4.46
CA LYS A 259 -20.86 17.64 -5.82
C LYS A 259 -22.08 18.11 -6.57
N TYR A 260 -23.20 17.39 -6.38
CA TYR A 260 -24.41 17.64 -7.15
C TYR A 260 -25.05 18.96 -6.75
N LEU A 261 -25.17 19.19 -5.43
CA LEU A 261 -25.60 20.47 -4.92
C LEU A 261 -24.83 21.61 -5.57
N LEU A 262 -23.49 21.51 -5.60
CA LEU A 262 -22.72 22.61 -6.16
C LEU A 262 -22.94 22.71 -7.66
N GLU A 263 -23.03 21.58 -8.34
CA GLU A 263 -23.26 21.58 -9.79
C GLU A 263 -24.62 22.19 -10.14
N GLN A 264 -25.69 21.71 -9.52
CA GLN A 264 -27.01 22.29 -9.79
C GLN A 264 -27.01 23.79 -9.54
N LEU A 265 -26.46 24.21 -8.41
CA LEU A 265 -26.44 25.64 -8.12
C LEU A 265 -25.61 26.39 -9.13
N LYS A 266 -24.48 25.81 -9.53
CA LYS A 266 -23.57 26.48 -10.45
C LYS A 266 -24.19 26.59 -11.84
N LYS A 267 -25.06 25.66 -12.20
CA LYS A 267 -25.73 25.72 -13.50
C LYS A 267 -26.66 26.91 -13.60
N GLU A 268 -27.25 27.31 -12.47
CA GLU A 268 -28.30 28.32 -12.41
C GLU A 268 -27.77 29.73 -12.18
N PHE A 269 -26.89 29.90 -11.19
CA PHE A 269 -26.49 31.22 -10.72
C PHE A 269 -25.02 31.42 -11.06
N GLN A 270 -24.74 32.40 -11.92
CA GLN A 270 -23.33 32.57 -12.28
C GLN A 270 -22.55 33.30 -11.21
N GLU A 271 -23.21 33.77 -10.14
CA GLU A 271 -22.49 34.26 -8.97
C GLU A 271 -21.50 33.24 -8.45
N LEU A 272 -21.75 31.96 -8.71
CA LEU A 272 -20.96 30.86 -8.18
C LEU A 272 -19.84 30.42 -9.13
N ASP A 273 -19.37 31.33 -10.01
CA ASP A 273 -18.29 30.99 -10.94
C ASP A 273 -16.97 30.77 -10.23
N ALA A 274 -16.73 31.49 -9.14
CA ALA A 274 -15.51 31.29 -8.37
C ALA A 274 -15.39 29.87 -7.87
N PHE A 275 -16.50 29.20 -7.61
CA PHE A 275 -16.45 27.91 -6.96
C PHE A 275 -16.34 26.76 -7.97
N CYS A 276 -15.76 25.66 -7.50
CA CYS A 276 -15.58 24.49 -8.34
C CYS A 276 -15.68 23.26 -7.46
N SER A 277 -15.71 22.09 -8.08
CA SER A 277 -15.91 20.88 -7.31
C SER A 277 -14.70 20.54 -6.45
N TYR A 278 -13.51 21.02 -6.82
CA TYR A 278 -12.36 20.75 -5.98
C TYR A 278 -12.55 21.34 -4.60
N HIS A 279 -13.35 22.40 -4.50
CA HIS A 279 -13.70 22.93 -3.19
C HIS A 279 -14.40 21.87 -2.35
N VAL A 280 -15.44 21.25 -2.90
CA VAL A 280 -16.14 20.26 -2.09
C VAL A 280 -15.25 19.04 -1.89
N LYS A 281 -14.35 18.75 -2.84
CA LYS A 281 -13.45 17.61 -2.64
C LYS A 281 -12.54 17.87 -1.45
N THR A 282 -12.00 19.08 -1.36
CA THR A 282 -11.13 19.44 -0.25
C THR A 282 -11.88 19.44 1.07
N ALA A 283 -13.09 20.03 1.07
CA ALA A 283 -13.85 20.08 2.32
C ALA A 283 -14.12 18.67 2.85
N ILE A 284 -14.39 17.72 1.97
CA ILE A 284 -14.69 16.38 2.46
C ILE A 284 -13.42 15.62 2.86
N PHE A 285 -12.24 15.88 2.27
CA PHE A 285 -11.05 15.24 2.82
C PHE A 285 -10.86 15.67 4.28
N HIS A 286 -11.12 16.94 4.57
CA HIS A 286 -11.09 17.40 5.95
C HIS A 286 -12.12 16.66 6.81
N MET A 287 -13.36 16.52 6.34
CA MET A 287 -14.36 15.80 7.12
C MET A 287 -13.93 14.35 7.34
N TRP A 288 -13.26 13.75 6.36
CA TRP A 288 -12.82 12.38 6.54
C TRP A 288 -11.71 12.29 7.59
N THR A 289 -10.89 13.34 7.71
CA THR A 289 -9.88 13.38 8.76
C THR A 289 -10.54 13.67 10.10
N GLN A 290 -11.41 14.67 10.15
CA GLN A 290 -12.20 14.97 11.33
C GLN A 290 -12.92 13.74 11.90
N ASP A 291 -13.58 12.95 11.02
CA ASP A 291 -14.39 11.78 11.41
C ASP A 291 -13.78 10.55 10.76
N PRO A 292 -12.74 10.00 11.36
CA PRO A 292 -11.98 8.92 10.69
C PRO A 292 -12.65 7.58 10.70
N GLN A 293 -13.50 7.28 11.68
CA GLN A 293 -14.01 5.91 11.82
C GLN A 293 -15.00 5.58 10.71
N ASP A 294 -14.92 4.35 10.20
CA ASP A 294 -15.88 3.93 9.18
C ASP A 294 -17.32 3.99 9.72
N SER A 295 -17.49 3.82 11.02
CA SER A 295 -18.81 3.83 11.60
C SER A 295 -19.40 5.23 11.67
N GLN A 296 -18.64 6.25 11.29
CA GLN A 296 -19.19 7.59 11.15
C GLN A 296 -19.58 7.87 9.71
N TRP A 297 -19.52 6.87 8.86
CA TRP A 297 -20.08 6.95 7.51
C TRP A 297 -20.88 5.69 7.24
N ASP A 298 -21.73 5.31 8.19
CA ASP A 298 -22.67 4.21 7.96
C ASP A 298 -23.71 4.61 6.93
N PRO A 299 -23.97 3.76 5.92
CA PRO A 299 -24.97 4.11 4.88
C PRO A 299 -26.35 4.36 5.43
N ARG A 300 -26.65 3.86 6.64
CA ARG A 300 -27.94 4.14 7.25
C ARG A 300 -28.01 5.56 7.79
N ASN A 301 -26.87 6.23 7.99
CA ASN A 301 -26.84 7.60 8.47
C ASN A 301 -26.46 8.59 7.36
N LEU A 302 -26.75 8.23 6.11
CA LEU A 302 -26.51 9.07 4.95
C LEU A 302 -26.91 10.53 5.18
N SER A 303 -28.06 10.75 5.81
CA SER A 303 -28.56 12.11 6.00
C SER A 303 -27.71 12.88 7.00
N SER A 304 -27.46 12.28 8.16
CA SER A 304 -26.58 12.93 9.13
C SER A 304 -25.26 13.26 8.47
N CYS A 305 -24.67 12.28 7.78
CA CYS A 305 -23.34 12.49 7.22
C CYS A 305 -23.36 13.61 6.19
N PHE A 306 -24.33 13.58 5.26
CA PHE A 306 -24.46 14.68 4.31
C PHE A 306 -24.66 15.99 5.04
N ASP A 307 -25.49 16.00 6.08
CA ASP A 307 -25.77 17.24 6.79
C ASP A 307 -24.55 17.77 7.53
N LYS A 308 -23.72 16.90 8.11
CA LYS A 308 -22.55 17.41 8.79
C LYS A 308 -21.52 17.95 7.80
N LEU A 309 -21.43 17.35 6.60
CA LEU A 309 -20.56 17.90 5.56
C LEU A 309 -21.02 19.29 5.13
N LEU A 310 -22.34 19.49 5.01
CA LEU A 310 -22.88 20.80 4.68
C LEU A 310 -22.60 21.80 5.80
N ALA A 311 -22.88 21.42 7.05
CA ALA A 311 -22.55 22.29 8.18
C ALA A 311 -21.09 22.72 8.10
N PHE A 312 -20.18 21.75 7.85
CA PHE A 312 -18.76 22.05 7.79
C PHE A 312 -18.45 23.01 6.64
N PHE A 313 -18.97 22.73 5.45
CA PHE A 313 -18.78 23.61 4.31
C PHE A 313 -19.32 25.01 4.60
N LEU A 314 -20.47 25.11 5.27
CA LEU A 314 -21.02 26.42 5.59
C LEU A 314 -20.05 27.21 6.45
N GLU A 315 -19.38 26.54 7.38
CA GLU A 315 -18.47 27.24 8.27
C GLU A 315 -17.24 27.73 7.53
N CYS A 316 -16.80 26.96 6.52
CA CYS A 316 -15.67 27.37 5.70
C CYS A 316 -16.02 28.61 4.89
N LEU A 317 -17.24 28.66 4.36
CA LEU A 317 -17.69 29.82 3.61
C LEU A 317 -17.77 31.04 4.51
N ARG A 318 -18.33 30.87 5.71
CA ARG A 318 -18.52 32.02 6.59
C ARG A 318 -17.20 32.52 7.14
N THR A 319 -16.40 31.61 7.69
CA THR A 319 -15.09 31.98 8.22
C THR A 319 -14.04 32.18 7.13
N GLU A 320 -14.38 32.03 5.86
CA GLU A 320 -13.48 32.39 4.77
C GLU A 320 -12.22 31.50 4.76
N LYS A 321 -12.32 30.26 5.22
CA LYS A 321 -11.17 29.38 5.38
C LYS A 321 -11.47 27.98 4.83
N LEU A 322 -10.66 27.53 3.88
CA LEU A 322 -10.72 26.17 3.37
C LEU A 322 -9.30 25.82 2.90
N ASP A 323 -8.49 25.33 3.85
CA ASP A 323 -7.08 25.06 3.56
C ASP A 323 -6.92 23.94 2.54
N HIS A 324 -6.00 24.12 1.61
CA HIS A 324 -5.57 23.02 0.77
C HIS A 324 -5.21 21.83 1.64
N TYR A 325 -5.73 20.66 1.27
CA TYR A 325 -5.47 19.46 2.06
C TYR A 325 -3.99 19.12 2.06
N PHE A 326 -3.30 19.50 0.99
CA PHE A 326 -1.91 19.12 0.83
C PHE A 326 -0.97 20.24 1.15
N ILE A 327 -1.47 21.48 1.15
CA ILE A 327 -0.64 22.65 1.34
C ILE A 327 -1.38 23.51 2.36
N PRO A 328 -1.16 23.27 3.64
CA PRO A 328 -1.99 23.91 4.68
C PRO A 328 -2.06 25.42 4.58
N LYS A 329 -0.96 26.07 4.25
CA LYS A 329 -0.94 27.51 4.33
C LYS A 329 -1.67 28.17 3.19
N PHE A 330 -2.13 27.40 2.21
CA PHE A 330 -2.84 27.91 1.06
C PHE A 330 -4.35 27.77 1.24
N ASN A 331 -5.03 28.92 1.29
CA ASN A 331 -6.46 29.03 1.59
C ASN A 331 -7.23 29.20 0.29
N LEU A 332 -7.97 28.16 -0.12
CA LEU A 332 -8.79 28.27 -1.33
C LEU A 332 -9.96 29.24 -1.17
N PHE A 333 -10.27 29.71 0.03
CA PHE A 333 -11.38 30.61 0.28
C PHE A 333 -10.88 31.97 0.75
N SER A 334 -9.61 32.27 0.47
CA SER A 334 -9.08 33.57 0.84
C SER A 334 -9.90 34.67 0.18
N GLN A 335 -9.81 35.87 0.77
CA GLN A 335 -10.42 37.02 0.12
C GLN A 335 -9.83 37.24 -1.25
N GLU A 336 -8.52 37.06 -1.37
CA GLU A 336 -7.80 37.31 -2.62
C GLU A 336 -8.24 36.37 -3.73
N LEU A 337 -9.11 35.40 -3.43
CA LEU A 337 -9.54 34.44 -4.42
C LEU A 337 -11.04 34.45 -4.70
N ILE A 338 -11.87 34.76 -3.70
CA ILE A 338 -13.33 34.76 -3.82
C ILE A 338 -13.87 35.87 -2.93
N ASP A 339 -14.79 36.69 -3.45
CA ASP A 339 -15.36 37.75 -2.63
C ASP A 339 -16.14 37.19 -1.45
N ARG A 340 -16.18 37.97 -0.37
CA ARG A 340 -17.12 37.63 0.70
C ARG A 340 -18.55 37.59 0.15
N LYS A 341 -18.87 38.49 -0.80
CA LYS A 341 -20.18 38.46 -1.43
C LYS A 341 -20.44 37.10 -2.07
N SER A 342 -19.47 36.59 -2.83
CA SER A 342 -19.69 35.30 -3.47
C SER A 342 -19.87 34.19 -2.45
N LYS A 343 -19.17 34.27 -1.32
CA LYS A 343 -19.29 33.25 -0.30
C LYS A 343 -20.62 33.35 0.43
N GLU A 344 -21.01 34.56 0.86
CA GLU A 344 -22.31 34.76 1.52
C GLU A 344 -23.45 34.31 0.62
N PHE A 345 -23.38 34.63 -0.67
CA PHE A 345 -24.40 34.21 -1.62
C PHE A 345 -24.57 32.70 -1.63
N LEU A 346 -23.44 31.96 -1.69
CA LEU A 346 -23.50 30.50 -1.65
C LEU A 346 -23.95 29.99 -0.29
N SER A 347 -23.52 30.65 0.78
CA SER A 347 -23.95 30.22 2.11
C SER A 347 -25.47 30.26 2.23
N LYS A 348 -26.09 31.35 1.78
CA LYS A 348 -27.54 31.45 1.84
C LYS A 348 -28.21 30.40 0.94
N LYS A 349 -27.66 30.17 -0.26
CA LYS A 349 -28.25 29.18 -1.16
C LYS A 349 -28.15 27.77 -0.58
N ILE A 350 -27.06 27.46 0.11
CA ILE A 350 -26.93 26.14 0.73
C ILE A 350 -27.90 26.02 1.90
N GLU A 351 -27.96 27.03 2.78
CA GLU A 351 -28.90 26.94 3.90
C GLU A 351 -30.33 26.81 3.40
N TYR A 352 -30.66 27.46 2.28
CA TYR A 352 -32.02 27.37 1.75
C TYR A 352 -32.34 25.93 1.36
N GLU A 353 -31.56 25.36 0.43
CA GLU A 353 -31.72 23.95 0.08
C GLU A 353 -31.76 23.07 1.32
N ARG A 354 -30.90 23.36 2.30
CA ARG A 354 -30.78 22.55 3.49
C ARG A 354 -32.08 22.48 4.28
N ASN A 355 -32.79 23.61 4.38
CA ASN A 355 -33.95 23.72 5.26
C ASN A 355 -35.25 23.80 4.47
N ASN A 356 -35.28 23.19 3.29
CA ASN A 356 -36.48 23.23 2.46
C ASN A 356 -36.62 22.00 1.59
N GLY A 357 -36.01 20.87 2.01
CA GLY A 357 -36.18 19.62 1.30
C GLY A 357 -35.33 19.43 0.05
N PHE A 358 -34.27 20.22 -0.12
CA PHE A 358 -33.38 20.10 -1.26
C PHE A 358 -34.12 20.07 -2.60
N PRO A 359 -34.98 21.07 -2.86
CA PRO A 359 -35.73 21.08 -4.13
C PRO A 359 -34.86 21.21 -5.37
N ILE A 360 -33.58 21.61 -5.25
CA ILE A 360 -32.73 21.64 -6.44
C ILE A 360 -32.30 20.25 -6.88
N PHE A 361 -32.53 19.24 -6.04
CA PHE A 361 -32.27 17.87 -6.46
C PHE A 361 -33.32 17.34 -7.44
N ASP A 362 -34.50 17.97 -7.53
CA ASP A 362 -35.57 17.47 -8.38
C ASP A 362 -35.57 18.09 -9.77
N LYS A 363 -34.62 18.96 -10.06
CA LYS A 363 -34.56 19.58 -11.37
C LYS A 363 -33.99 18.61 -12.42
N ASP B 5 -0.49 -8.86 34.97
CA ASP B 5 0.60 -8.91 35.93
C ASP B 5 1.60 -9.98 35.54
N LYS B 6 1.24 -11.22 35.88
CA LYS B 6 1.94 -12.42 35.42
C LYS B 6 2.40 -12.26 33.97
N LEU B 7 1.46 -12.01 33.06
CA LEU B 7 1.83 -12.03 31.65
C LEU B 7 2.61 -10.79 31.24
N LYS B 8 2.22 -9.60 31.73
CA LYS B 8 3.05 -8.42 31.52
C LYS B 8 4.46 -8.67 32.04
N LYS B 9 4.58 -9.28 33.23
CA LYS B 9 5.90 -9.55 33.80
C LYS B 9 6.69 -10.50 32.91
N VAL B 10 6.04 -11.51 32.34
CA VAL B 10 6.74 -12.44 31.47
C VAL B 10 7.18 -11.73 30.19
N LEU B 11 6.29 -10.92 29.61
CA LEU B 11 6.64 -10.17 28.40
C LEU B 11 7.83 -9.26 28.65
N ASP B 12 7.93 -8.68 29.85
CA ASP B 12 9.10 -7.89 30.19
C ASP B 12 10.38 -8.73 30.13
N LYS B 13 10.30 -9.97 30.59
CA LYS B 13 11.45 -10.86 30.54
C LYS B 13 11.89 -11.10 29.10
N LEU B 14 10.95 -11.49 28.25
CA LEU B 14 11.23 -11.85 26.86
C LEU B 14 11.73 -10.66 26.04
N ARG B 15 11.57 -9.44 26.52
CA ARG B 15 11.91 -8.29 25.70
C ARG B 15 13.41 -8.23 25.47
N LEU B 16 13.80 -8.11 24.20
CA LEU B 16 15.19 -7.91 23.87
C LEU B 16 15.68 -6.57 24.39
N LYS B 17 16.99 -6.48 24.56
CA LYS B 17 17.63 -5.28 25.07
C LYS B 17 18.31 -4.53 23.95
N ARG B 18 18.11 -3.20 23.91
CA ARG B 18 18.65 -2.37 22.85
C ARG B 18 20.15 -2.64 22.64
N LYS B 19 20.89 -2.77 23.74
CA LYS B 19 22.34 -3.02 23.65
C LYS B 19 22.64 -4.34 22.94
N ASP B 20 21.97 -5.43 23.34
CA ASP B 20 22.22 -6.72 22.71
C ASP B 20 21.80 -6.71 21.24
N ILE B 21 20.71 -6.00 20.92
CA ILE B 21 20.28 -5.88 19.53
C ILE B 21 21.37 -5.20 18.72
N SER B 22 21.90 -4.09 19.26
CA SER B 22 22.95 -3.32 18.59
C SER B 22 24.20 -4.17 18.33
N GLU B 23 24.64 -4.92 19.35
CA GLU B 23 25.85 -5.74 19.23
C GLU B 23 25.66 -6.89 18.26
N ALA B 24 24.59 -7.67 18.43
CA ALA B 24 24.37 -8.84 17.58
C ALA B 24 24.22 -8.42 16.12
N ALA B 25 23.49 -7.34 15.86
CA ALA B 25 23.16 -6.97 14.49
C ALA B 25 24.39 -6.51 13.74
N GLU B 26 25.28 -5.76 14.39
CA GLU B 26 26.42 -5.26 13.66
C GLU B 26 27.36 -6.40 13.29
N THR B 27 27.50 -7.40 14.19
CA THR B 27 28.29 -8.59 13.87
C THR B 27 27.58 -9.43 12.81
N VAL B 28 26.26 -9.61 12.95
CA VAL B 28 25.53 -10.41 11.97
C VAL B 28 25.59 -9.74 10.60
N ASN B 29 25.52 -8.41 10.56
CA ASN B 29 25.51 -7.73 9.27
C ASN B 29 26.85 -7.89 8.58
N LYS B 30 27.92 -7.87 9.35
CA LYS B 30 29.26 -8.06 8.79
C LYS B 30 29.36 -9.38 8.02
N VAL B 31 28.86 -10.47 8.61
CA VAL B 31 29.04 -11.77 7.98
C VAL B 31 28.13 -11.91 6.77
N VAL B 32 26.87 -11.49 6.90
CA VAL B 32 25.96 -11.58 5.76
C VAL B 32 26.44 -10.66 4.64
N GLU B 33 26.89 -9.45 4.97
CA GLU B 33 27.38 -8.53 3.94
C GLU B 33 28.54 -9.17 3.18
N ARG B 34 29.49 -9.76 3.92
CA ARG B 34 30.63 -10.42 3.30
C ARG B 34 30.22 -11.68 2.51
N LEU B 35 29.29 -12.46 3.04
CA LEU B 35 28.86 -13.66 2.32
C LEU B 35 28.13 -13.27 1.04
N LEU B 36 27.21 -12.31 1.13
CA LEU B 36 26.46 -11.88 -0.05
C LEU B 36 27.37 -11.26 -1.10
N ARG B 37 28.45 -10.58 -0.66
CA ARG B 37 29.47 -10.14 -1.59
C ARG B 37 29.92 -11.29 -2.47
N ARG B 38 30.48 -12.34 -1.83
CA ARG B 38 31.09 -13.45 -2.55
C ARG B 38 30.16 -14.01 -3.61
N MET B 39 28.89 -14.19 -3.23
CA MET B 39 28.00 -14.98 -4.07
C MET B 39 27.87 -14.40 -5.48
N GLN B 40 28.03 -13.10 -5.64
CA GLN B 40 27.98 -12.48 -6.97
C GLN B 40 29.25 -11.71 -7.28
N SER B 44 30.22 -16.41 -9.61
CA SER B 44 29.68 -17.74 -9.30
C SER B 44 28.23 -17.93 -9.84
N GLU B 45 27.77 -19.19 -9.84
CA GLU B 45 26.47 -19.54 -10.42
C GLU B 45 25.31 -18.86 -9.70
N PHE B 46 25.54 -18.31 -8.52
CA PHE B 46 24.52 -17.55 -7.81
C PHE B 46 24.73 -16.05 -7.94
N LYS B 47 25.26 -15.60 -9.07
CA LYS B 47 25.39 -14.17 -9.28
C LYS B 47 24.01 -13.58 -9.54
N GLY B 48 23.77 -12.41 -8.97
CA GLY B 48 22.43 -11.82 -8.99
C GLY B 48 21.57 -12.18 -7.79
N VAL B 49 22.15 -12.78 -6.77
CA VAL B 49 21.42 -13.18 -5.58
C VAL B 49 21.16 -11.92 -4.74
N GLU B 50 19.94 -11.76 -4.27
CA GLU B 50 19.57 -10.60 -3.46
C GLU B 50 19.17 -11.07 -2.06
N GLN B 51 19.35 -10.18 -1.08
CA GLN B 51 19.16 -10.52 0.32
C GLN B 51 17.79 -10.07 0.80
N LEU B 52 16.98 -11.01 1.27
CA LEU B 52 15.68 -10.69 1.86
C LEU B 52 15.68 -11.23 3.30
N ASN B 53 15.60 -10.32 4.27
CA ASN B 53 15.65 -10.72 5.67
C ASN B 53 14.27 -11.20 6.12
N THR B 54 14.25 -12.31 6.86
CA THR B 54 13.02 -12.98 7.26
C THR B 54 13.04 -13.37 8.73
N GLY B 55 11.89 -13.83 9.22
CA GLY B 55 11.80 -14.47 10.54
C GLY B 55 11.52 -13.53 11.70
N SER B 56 11.68 -14.10 12.89
CA SER B 56 11.17 -13.47 14.11
C SER B 56 11.85 -12.13 14.39
N TYR B 57 13.19 -12.06 14.23
CA TYR B 57 13.92 -10.84 14.59
C TYR B 57 13.51 -9.68 13.68
N TYR B 58 13.22 -9.96 12.41
CA TYR B 58 12.82 -8.93 11.48
C TYR B 58 11.34 -8.67 11.52
N GLU B 59 10.58 -9.54 12.18
CA GLU B 59 9.17 -9.31 12.39
C GLU B 59 8.91 -8.68 13.74
N HIS B 60 9.97 -8.45 14.53
CA HIS B 60 9.84 -7.93 15.88
C HIS B 60 9.01 -8.85 16.76
N VAL B 61 9.24 -10.15 16.63
CA VAL B 61 8.68 -11.13 17.57
C VAL B 61 9.76 -12.08 18.06
N LYS B 62 11.03 -11.77 17.86
CA LYS B 62 12.10 -12.52 18.52
C LYS B 62 12.05 -12.25 20.03
N ILE B 63 12.15 -13.31 20.83
CA ILE B 63 12.06 -13.23 22.28
C ILE B 63 13.39 -13.67 22.92
N SER B 64 13.58 -13.24 24.18
CA SER B 64 14.67 -13.64 25.08
C SER B 64 16.02 -13.02 24.74
N ALA B 65 16.45 -13.18 23.50
CA ALA B 65 17.79 -12.78 23.08
C ALA B 65 17.79 -12.66 21.57
N PRO B 66 18.57 -11.72 21.00
CA PRO B 66 18.79 -11.67 19.53
C PRO B 66 19.82 -12.69 19.07
N ASN B 67 19.50 -13.98 19.21
CA ASN B 67 20.50 -15.02 18.96
C ASN B 67 20.20 -15.90 17.76
N GLU B 68 19.14 -15.64 17.01
CA GLU B 68 18.84 -16.42 15.82
C GLU B 68 18.25 -15.50 14.77
N PHE B 69 18.89 -15.44 13.60
CA PHE B 69 18.56 -14.57 12.49
C PHE B 69 18.35 -15.43 11.25
N ASP B 70 17.41 -15.04 10.39
CA ASP B 70 17.15 -15.78 9.16
C ASP B 70 17.26 -14.84 7.96
N VAL B 71 17.93 -15.32 6.90
CA VAL B 71 18.17 -14.53 5.68
C VAL B 71 17.92 -15.39 4.46
N MET B 72 17.13 -14.88 3.52
CA MET B 72 17.01 -15.51 2.20
C MET B 72 18.05 -14.91 1.27
N PHE B 73 18.76 -15.77 0.55
CA PHE B 73 19.50 -15.37 -0.64
C PHE B 73 18.66 -15.90 -1.81
N LYS B 74 17.81 -15.04 -2.33
CA LYS B 74 16.86 -15.41 -3.37
C LYS B 74 17.52 -15.19 -4.72
N LEU B 75 17.14 -16.03 -5.70
CA LEU B 75 17.70 -15.95 -7.05
C LEU B 75 16.59 -15.89 -8.09
N GLU B 76 16.53 -14.77 -8.83
CA GLU B 76 15.66 -14.60 -9.98
C GLU B 76 15.96 -15.67 -11.02
N VAL B 77 15.00 -16.54 -11.30
CA VAL B 77 15.21 -17.66 -12.21
C VAL B 77 14.00 -17.78 -13.13
N PRO B 78 14.18 -17.75 -14.46
CA PRO B 78 13.07 -17.46 -15.36
C PRO B 78 12.34 -18.71 -15.82
N ARG B 79 11.06 -18.48 -16.14
CA ARG B 79 10.15 -19.45 -16.76
C ARG B 79 10.52 -20.91 -16.47
N ILE B 80 10.60 -21.25 -15.19
CA ILE B 80 10.73 -22.66 -14.82
C ILE B 80 9.37 -23.31 -14.90
N GLU B 81 9.36 -24.55 -15.35
CA GLU B 81 8.16 -25.34 -15.19
C GLU B 81 8.15 -25.91 -13.78
N LEU B 82 6.96 -25.98 -13.20
CA LEU B 82 6.76 -26.53 -11.87
C LEU B 82 5.86 -27.75 -11.96
N GLN B 83 6.10 -28.72 -11.09
CA GLN B 83 5.28 -29.93 -11.09
C GLN B 83 5.07 -30.39 -9.65
N GLU B 84 3.83 -30.71 -9.30
CA GLU B 84 3.49 -31.05 -7.92
C GLU B 84 3.96 -32.46 -7.57
N TYR B 85 4.28 -32.66 -6.31
CA TYR B 85 4.87 -33.89 -5.81
C TYR B 85 3.77 -34.72 -5.18
N TYR B 86 3.13 -35.56 -6.00
CA TYR B 86 2.20 -36.56 -5.49
C TYR B 86 1.11 -35.92 -4.64
N GLU B 87 0.68 -34.73 -5.06
CA GLU B 87 -0.44 -34.03 -4.45
C GLU B 87 -0.14 -33.55 -3.03
N THR B 88 1.14 -33.24 -2.75
CA THR B 88 1.53 -32.84 -1.40
C THR B 88 1.13 -31.41 -1.06
N GLY B 89 0.99 -30.55 -2.06
CA GLY B 89 0.65 -29.15 -1.86
C GLY B 89 1.86 -28.24 -1.88
N ALA B 90 2.82 -28.51 -1.00
CA ALA B 90 3.91 -27.61 -0.71
C ALA B 90 5.25 -27.98 -1.35
N PHE B 91 5.37 -29.18 -1.91
CA PHE B 91 6.61 -29.67 -2.50
C PHE B 91 6.45 -29.87 -4.00
N TYR B 92 7.51 -29.53 -4.73
CA TYR B 92 7.48 -29.42 -6.19
C TYR B 92 8.82 -29.85 -6.77
N LEU B 93 8.77 -30.46 -7.95
CA LEU B 93 9.94 -30.63 -8.79
C LEU B 93 10.04 -29.45 -9.74
N VAL B 94 11.28 -29.05 -10.07
CA VAL B 94 11.52 -27.85 -10.84
C VAL B 94 12.20 -28.24 -12.14
N LYS B 95 11.56 -27.89 -13.27
CA LYS B 95 12.10 -28.27 -14.58
C LYS B 95 12.25 -27.06 -15.50
N PHE B 96 12.59 -27.32 -16.77
CA PHE B 96 12.71 -26.26 -17.79
C PHE B 96 12.08 -26.66 -19.14
N PRO B 104 24.10 -21.14 -16.87
CA PRO B 104 24.55 -20.81 -15.51
C PRO B 104 24.35 -21.97 -14.53
N LEU B 105 23.10 -22.19 -14.14
CA LEU B 105 22.72 -23.31 -13.29
C LEU B 105 22.61 -24.62 -14.03
N SER B 106 23.12 -24.68 -15.26
CA SER B 106 22.90 -25.83 -16.11
C SER B 106 23.37 -27.11 -15.44
N HIS B 107 24.48 -27.03 -14.73
CA HIS B 107 25.09 -28.23 -14.17
C HIS B 107 24.43 -28.62 -12.85
N PHE B 108 23.10 -28.65 -12.81
CA PHE B 108 22.41 -29.24 -11.68
C PHE B 108 21.36 -30.25 -12.17
N VAL B 113 15.45 -31.05 -15.08
CA VAL B 113 15.13 -31.14 -13.65
C VAL B 113 16.23 -30.53 -12.76
N LEU B 114 15.81 -29.66 -11.83
CA LEU B 114 16.75 -28.95 -10.97
C LEU B 114 16.81 -29.65 -9.62
N SER B 115 17.96 -30.26 -9.33
CA SER B 115 18.19 -30.95 -8.06
C SER B 115 18.44 -29.94 -6.95
N ALA B 116 17.52 -29.88 -5.99
CA ALA B 116 17.72 -29.03 -4.81
C ALA B 116 18.97 -29.46 -4.03
N THR B 117 19.15 -30.77 -3.83
CA THR B 117 20.33 -31.25 -3.11
C THR B 117 21.59 -30.73 -3.77
N LYS B 118 21.68 -30.88 -5.09
CA LYS B 118 22.89 -30.47 -5.81
C LYS B 118 23.13 -28.97 -5.65
N MET B 119 22.10 -28.16 -5.91
CA MET B 119 22.28 -26.71 -5.84
C MET B 119 22.67 -26.28 -4.42
N LEU B 120 22.04 -26.87 -3.42
CA LEU B 120 22.33 -26.55 -2.03
C LEU B 120 23.79 -26.83 -1.68
N SER B 121 24.34 -27.93 -2.20
CA SER B 121 25.68 -28.33 -1.80
C SER B 121 26.73 -27.36 -2.30
N LYS B 122 26.61 -26.89 -3.54
CA LYS B 122 27.62 -25.95 -4.03
C LYS B 122 27.47 -24.62 -3.32
N PHE B 123 26.24 -24.15 -3.18
CA PHE B 123 25.94 -22.99 -2.35
C PHE B 123 26.62 -23.11 -0.99
N ARG B 124 26.38 -24.23 -0.31
CA ARG B 124 27.04 -24.51 0.95
C ARG B 124 28.57 -24.41 0.80
N LYS B 125 29.13 -25.08 -0.22
CA LYS B 125 30.57 -25.05 -0.44
C LYS B 125 31.13 -23.63 -0.46
N ILE B 126 30.44 -22.72 -1.14
CA ILE B 126 30.91 -21.34 -1.21
C ILE B 126 30.94 -20.73 0.19
N ILE B 127 29.80 -20.75 0.90
CA ILE B 127 29.77 -20.25 2.27
C ILE B 127 30.95 -20.79 3.05
N LYS B 128 31.05 -22.12 3.16
CA LYS B 128 32.10 -22.74 3.94
C LYS B 128 33.46 -22.13 3.60
N GLU B 129 33.78 -22.06 2.31
CA GLU B 129 35.05 -21.49 1.87
C GLU B 129 35.24 -20.05 2.38
N GLU B 130 34.24 -19.19 2.14
CA GLU B 130 34.37 -17.79 2.55
C GLU B 130 34.38 -17.63 4.07
N VAL B 131 33.60 -18.43 4.79
CA VAL B 131 33.63 -18.32 6.24
C VAL B 131 35.04 -18.56 6.76
N LYS B 132 35.80 -19.42 6.09
CA LYS B 132 37.17 -19.69 6.53
C LYS B 132 38.06 -18.47 6.41
N GLU B 133 37.72 -17.53 5.51
CA GLU B 133 38.51 -16.31 5.33
C GLU B 133 38.18 -15.20 6.34
N ILE B 134 37.16 -15.36 7.17
CA ILE B 134 36.80 -14.32 8.13
C ILE B 134 37.70 -14.46 9.35
N LYS B 135 38.47 -13.40 9.65
CA LYS B 135 39.42 -13.40 10.75
C LYS B 135 39.07 -12.42 11.86
N ASP B 136 38.03 -11.60 11.70
CA ASP B 136 37.63 -10.65 12.74
C ASP B 136 36.46 -11.14 13.60
N ILE B 137 35.83 -12.24 13.23
CA ILE B 137 34.69 -12.75 13.99
C ILE B 137 34.87 -14.25 14.22
N ASP B 138 34.51 -14.69 15.42
CA ASP B 138 34.46 -16.11 15.77
C ASP B 138 33.23 -16.73 15.13
N VAL B 139 33.36 -17.32 13.94
CA VAL B 139 32.18 -17.77 13.21
C VAL B 139 32.51 -19.06 12.46
N SER B 140 31.69 -20.09 12.68
CA SER B 140 31.84 -21.40 12.04
C SER B 140 30.53 -21.79 11.37
N VAL B 141 30.56 -22.88 10.60
CA VAL B 141 29.40 -23.37 9.89
C VAL B 141 28.92 -24.64 10.57
N GLU B 142 27.66 -24.62 11.01
CA GLU B 142 27.09 -25.77 11.71
C GLU B 142 26.97 -26.96 10.77
N LYS B 143 27.25 -28.15 11.31
CA LYS B 143 27.03 -29.40 10.59
C LYS B 143 25.68 -29.41 9.88
N GLU B 144 25.67 -29.93 8.66
CA GLU B 144 24.43 -30.01 7.89
C GLU B 144 23.36 -30.83 8.61
N LYS B 145 22.19 -30.23 8.75
CA LYS B 145 21.01 -30.86 9.34
C LYS B 145 20.14 -31.36 8.20
N PRO B 146 19.95 -32.67 8.02
CA PRO B 146 18.90 -33.14 7.11
C PRO B 146 17.52 -32.61 7.51
N GLY B 147 16.75 -32.18 6.51
CA GLY B 147 15.49 -31.51 6.75
C GLY B 147 15.58 -30.00 6.82
N SER B 148 16.77 -29.43 6.68
CA SER B 148 17.02 -28.00 6.74
C SER B 148 17.37 -27.49 5.36
N PRO B 149 16.68 -26.46 4.87
CA PRO B 149 17.12 -25.78 3.65
C PRO B 149 18.21 -24.76 3.89
N ALA B 150 18.81 -24.76 5.07
CA ALA B 150 19.62 -23.66 5.52
C ALA B 150 21.07 -24.06 5.58
N VAL B 151 21.94 -23.09 5.35
CA VAL B 151 23.31 -23.17 5.80
C VAL B 151 23.37 -22.29 7.04
N THR B 152 23.70 -22.89 8.18
CA THR B 152 23.54 -22.22 9.46
C THR B 152 24.91 -21.81 9.98
N LEU B 153 25.07 -20.52 10.32
CA LEU B 153 26.31 -20.06 10.94
C LEU B 153 26.16 -20.01 12.45
N LEU B 154 27.21 -20.39 13.17
CA LEU B 154 27.26 -20.20 14.61
C LEU B 154 28.33 -19.15 14.91
N ILE B 155 27.93 -18.10 15.61
CA ILE B 155 28.77 -16.94 15.85
C ILE B 155 28.99 -16.83 17.35
N ARG B 156 30.21 -16.48 17.72
CA ARG B 156 30.49 -16.08 19.09
C ARG B 156 30.99 -14.64 19.07
N ASN B 157 30.10 -13.71 19.41
CA ASN B 157 30.47 -12.59 20.25
C ASN B 157 30.74 -13.32 21.56
N PRO B 158 31.05 -12.65 22.66
CA PRO B 158 31.01 -13.38 23.94
C PRO B 158 29.70 -14.19 24.10
N GLU B 159 28.73 -13.93 23.23
CA GLU B 159 27.41 -14.55 23.23
C GLU B 159 27.20 -15.37 21.96
N GLU B 160 26.43 -16.45 22.08
CA GLU B 160 26.18 -17.35 20.97
C GLU B 160 24.99 -16.85 20.15
N ILE B 161 25.16 -16.84 18.82
CA ILE B 161 24.16 -16.35 17.88
C ILE B 161 24.23 -17.27 16.66
N SER B 162 23.08 -17.77 16.21
CA SER B 162 23.07 -18.58 15.00
C SER B 162 22.31 -17.88 13.88
N VAL B 163 22.82 -18.04 12.65
CA VAL B 163 22.28 -17.39 11.45
C VAL B 163 21.96 -18.46 10.42
N ASP B 164 20.73 -18.44 9.91
CA ASP B 164 20.30 -19.38 8.87
C ASP B 164 20.37 -18.67 7.51
N ILE B 165 21.27 -19.12 6.65
CA ILE B 165 21.35 -18.61 5.28
C ILE B 165 20.52 -19.52 4.37
N ILE B 166 19.36 -19.01 3.95
CA ILE B 166 18.37 -19.84 3.24
C ILE B 166 18.45 -19.57 1.75
N LEU B 167 18.69 -20.62 0.97
CA LEU B 167 18.71 -20.53 -0.48
C LEU B 167 17.30 -20.61 -1.04
N ALA B 168 16.90 -19.62 -1.81
CA ALA B 168 15.58 -19.62 -2.40
C ALA B 168 15.65 -19.36 -3.90
N LEU B 169 14.83 -20.09 -4.65
CA LEU B 169 14.48 -19.71 -6.01
C LEU B 169 13.36 -18.68 -5.97
N GLU B 170 13.39 -17.73 -6.90
CA GLU B 170 12.36 -16.69 -6.99
C GLU B 170 11.66 -16.74 -8.35
N SER B 171 10.35 -17.03 -8.33
CA SER B 171 9.54 -17.08 -9.54
C SER B 171 8.51 -15.94 -9.54
N LYS B 172 8.45 -15.20 -10.66
CA LYS B 172 7.64 -13.99 -10.76
C LYS B 172 6.27 -14.21 -11.37
N GLY B 173 5.87 -15.47 -11.59
CA GLY B 173 4.58 -15.76 -12.18
C GLY B 173 3.50 -16.02 -11.15
N SER B 174 2.32 -16.41 -11.65
CA SER B 174 1.22 -16.77 -10.78
C SER B 174 1.68 -17.72 -9.68
N TRP B 175 1.09 -17.58 -8.51
CA TRP B 175 1.32 -18.54 -7.45
C TRP B 175 0.76 -19.89 -7.87
N PRO B 176 1.36 -21.00 -7.40
CA PRO B 176 0.87 -22.32 -7.76
C PRO B 176 -0.58 -22.53 -7.30
N ILE B 177 -1.22 -23.50 -7.95
CA ILE B 177 -2.66 -23.72 -7.83
C ILE B 177 -3.05 -24.08 -6.40
N SER B 178 -2.16 -24.75 -5.66
CA SER B 178 -2.51 -25.24 -4.32
C SER B 178 -2.72 -24.11 -3.33
N THR B 179 -2.24 -22.91 -3.65
CA THR B 179 -2.41 -21.72 -2.83
C THR B 179 -3.68 -20.95 -3.17
N LYS B 180 -4.42 -21.36 -4.20
CA LYS B 180 -5.55 -20.56 -4.64
C LYS B 180 -6.52 -20.30 -3.50
N GLU B 181 -6.76 -21.31 -2.68
CA GLU B 181 -7.63 -21.14 -1.54
C GLU B 181 -6.86 -20.77 -0.28
N GLY B 182 -5.57 -20.47 -0.40
CA GLY B 182 -4.80 -20.09 0.76
C GLY B 182 -4.92 -18.60 1.05
N LEU B 183 -4.22 -18.18 2.12
CA LEU B 183 -4.09 -16.77 2.49
C LEU B 183 -5.46 -16.15 2.69
N PRO B 184 -6.28 -16.73 3.54
CA PRO B 184 -7.71 -16.34 3.59
C PRO B 184 -7.92 -15.04 4.36
N ILE B 185 -7.24 -13.99 3.93
CA ILE B 185 -7.20 -12.73 4.68
C ILE B 185 -8.34 -11.79 4.30
N GLN B 186 -9.31 -12.26 3.49
CA GLN B 186 -10.24 -11.35 2.82
C GLN B 186 -11.05 -10.52 3.83
N GLY B 187 -11.49 -11.13 4.93
CA GLY B 187 -12.28 -10.37 5.86
C GLY B 187 -11.46 -9.72 6.94
N TRP B 188 -10.14 -9.76 6.80
CA TRP B 188 -9.23 -9.27 7.82
C TRP B 188 -8.36 -8.18 7.20
N LEU B 189 -7.36 -8.56 6.39
CA LEU B 189 -6.58 -7.57 5.66
C LEU B 189 -7.20 -7.19 4.32
N GLY B 190 -8.12 -8.00 3.79
CA GLY B 190 -8.97 -7.58 2.70
C GLY B 190 -8.52 -8.08 1.35
N THR B 191 -9.38 -7.83 0.35
CA THR B 191 -9.12 -8.35 -1.00
C THR B 191 -8.02 -7.56 -1.71
N LYS B 192 -7.97 -6.24 -1.52
CA LYS B 192 -6.91 -5.47 -2.18
C LYS B 192 -5.55 -5.88 -1.65
N VAL B 193 -5.44 -6.09 -0.34
CA VAL B 193 -4.15 -6.53 0.19
C VAL B 193 -3.81 -7.91 -0.36
N ARG B 194 -4.81 -8.79 -0.43
CA ARG B 194 -4.55 -10.15 -0.90
C ARG B 194 -4.10 -10.18 -2.36
N THR B 195 -4.71 -9.34 -3.22
CA THR B 195 -4.33 -9.33 -4.61
C THR B 195 -2.90 -8.81 -4.78
N ASN B 196 -2.55 -7.73 -4.06
CA ASN B 196 -1.21 -7.18 -4.16
C ASN B 196 -0.18 -8.17 -3.63
N LEU B 197 -0.50 -8.86 -2.53
CA LEU B 197 0.43 -9.86 -2.00
C LEU B 197 0.65 -10.96 -3.02
N ARG B 198 -0.42 -11.39 -3.66
CA ARG B 198 -0.29 -12.45 -4.64
C ARG B 198 0.35 -11.98 -5.95
N ARG B 199 0.48 -10.67 -6.16
CA ARG B 199 1.32 -10.18 -7.25
C ARG B 199 2.81 -10.22 -6.92
N GLU B 200 3.18 -10.35 -5.66
CA GLU B 200 4.59 -10.51 -5.35
C GLU B 200 5.07 -11.87 -5.86
N PRO B 201 6.37 -12.02 -6.08
CA PRO B 201 6.89 -13.33 -6.47
C PRO B 201 6.71 -14.34 -5.35
N PHE B 202 6.78 -15.62 -5.72
CA PHE B 202 6.76 -16.69 -4.74
C PHE B 202 8.10 -17.41 -4.75
N TYR B 203 8.39 -18.13 -3.68
CA TYR B 203 9.74 -18.64 -3.46
C TYR B 203 9.74 -20.15 -3.29
N LEU B 204 10.90 -20.73 -3.54
CA LEU B 204 11.04 -22.18 -3.48
C LEU B 204 12.31 -22.49 -2.74
N VAL B 205 12.25 -23.51 -1.90
CA VAL B 205 13.28 -23.70 -0.90
C VAL B 205 13.56 -25.21 -0.82
N PRO B 206 14.81 -25.63 -0.62
CA PRO B 206 15.13 -27.07 -0.61
C PRO B 206 14.46 -27.85 0.52
N LYS B 207 13.90 -29.03 0.19
CA LYS B 207 13.55 -30.02 1.22
C LYS B 207 14.73 -30.96 1.49
N GLN B 216 13.18 -37.24 -3.50
CA GLN B 216 13.31 -36.42 -2.30
C GLN B 216 14.54 -35.57 -2.39
N GLY B 217 15.53 -36.05 -3.11
CA GLY B 217 16.76 -35.28 -3.23
C GLY B 217 16.60 -34.03 -4.05
N GLU B 218 15.66 -34.02 -4.99
CA GLU B 218 15.49 -32.87 -5.87
C GLU B 218 14.17 -32.14 -5.59
N THR B 219 13.65 -32.28 -4.37
CA THR B 219 12.38 -31.70 -3.98
C THR B 219 12.60 -30.32 -3.36
N TRP B 220 11.84 -29.33 -3.81
CA TRP B 220 11.79 -28.00 -3.20
C TRP B 220 10.44 -27.75 -2.51
N ARG B 221 10.44 -26.76 -1.59
CA ARG B 221 9.24 -26.39 -0.84
C ARG B 221 8.98 -24.90 -0.98
N LEU B 222 7.70 -24.55 -1.09
CA LEU B 222 7.32 -23.14 -1.18
C LEU B 222 7.61 -22.41 0.13
N SER B 223 8.07 -21.17 0.00
CA SER B 223 8.34 -20.29 1.13
C SER B 223 7.55 -19.01 0.94
N PHE B 224 6.93 -18.56 2.01
CA PHE B 224 6.15 -17.33 2.05
C PHE B 224 6.61 -16.45 3.19
N SER B 225 7.87 -16.59 3.62
CA SER B 225 8.40 -15.72 4.66
C SER B 225 8.23 -14.25 4.31
N HIS B 226 8.35 -13.90 3.03
CA HIS B 226 8.22 -12.50 2.66
C HIS B 226 6.80 -12.03 2.89
N THR B 227 5.83 -12.90 2.55
CA THR B 227 4.42 -12.58 2.79
C THR B 227 4.12 -12.57 4.27
N GLU B 228 4.72 -13.49 5.04
CA GLU B 228 4.51 -13.51 6.47
C GLU B 228 5.10 -12.28 7.17
N LYS B 229 6.23 -11.77 6.68
CA LYS B 229 6.82 -10.55 7.23
C LYS B 229 5.86 -9.37 7.07
N TYR B 230 5.31 -9.18 5.87
CA TYR B 230 4.34 -8.10 5.67
C TYR B 230 3.16 -8.25 6.63
N ILE B 231 2.63 -9.47 6.77
CA ILE B 231 1.46 -9.66 7.62
C ILE B 231 1.80 -9.28 9.06
N LEU B 232 2.92 -9.81 9.57
CA LEU B 232 3.34 -9.49 10.93
C LEU B 232 3.40 -8.00 11.15
N ASN B 233 3.81 -7.24 10.13
CA ASN B 233 3.96 -5.81 10.28
C ASN B 233 2.83 -5.00 9.65
N ASN B 234 1.79 -5.66 9.14
CA ASN B 234 0.59 -4.98 8.70
C ASN B 234 -0.59 -5.84 9.12
N HIS B 235 -0.73 -6.02 10.44
CA HIS B 235 -1.53 -7.09 11.01
C HIS B 235 -2.91 -6.66 11.46
N GLY B 236 -3.27 -5.39 11.31
CA GLY B 236 -4.54 -4.92 11.83
C GLY B 236 -5.63 -4.85 10.79
N ILE B 237 -6.87 -4.86 11.24
CA ILE B 237 -7.93 -4.54 10.30
C ILE B 237 -7.99 -3.04 10.07
N GLU B 238 -7.57 -2.23 11.04
CA GLU B 238 -7.45 -0.79 10.84
C GLU B 238 -6.03 -0.48 10.40
N LYS B 239 -5.89 0.51 9.51
CA LYS B 239 -4.57 0.84 9.02
C LYS B 239 -3.67 1.38 10.13
N THR B 240 -4.22 1.92 11.20
CA THR B 240 -3.44 2.54 12.26
C THR B 240 -3.04 1.56 13.36
N CYS B 241 -3.31 0.26 13.21
CA CYS B 241 -3.06 -0.65 14.31
C CYS B 241 -1.59 -0.65 14.68
N CYS B 242 -1.31 -0.31 15.94
CA CYS B 242 0.04 -0.30 16.51
C CYS B 242 0.93 0.81 15.96
N GLU B 243 0.35 1.87 15.41
CA GLU B 243 1.07 3.04 14.91
C GLU B 243 1.05 4.17 15.93
N SER B 244 1.89 5.17 15.71
CA SER B 244 2.01 6.26 16.70
C SER B 244 0.67 6.95 16.93
N SER B 245 -0.09 7.22 15.86
CA SER B 245 -1.45 7.77 15.98
C SER B 245 -2.53 6.70 15.95
N GLY B 246 -2.24 5.49 16.46
CA GLY B 246 -3.23 4.44 16.52
C GLY B 246 -3.31 3.81 17.89
N ALA B 247 -4.01 2.69 18.02
CA ALA B 247 -4.01 1.95 19.27
C ALA B 247 -3.13 0.70 19.16
N LYS B 248 -2.52 0.35 20.28
CA LYS B 248 -1.81 -0.91 20.43
C LYS B 248 -2.78 -2.07 20.49
N CYS B 249 -2.47 -3.14 19.77
CA CYS B 249 -3.09 -4.44 19.98
C CYS B 249 -2.06 -5.37 20.62
N CYS B 250 -2.53 -6.50 21.12
CA CYS B 250 -1.64 -7.45 21.77
C CYS B 250 -1.40 -8.68 20.90
N ARG B 251 -1.48 -8.51 19.58
CA ARG B 251 -1.34 -9.66 18.70
C ARG B 251 0.09 -10.22 18.74
N LYS B 252 1.08 -9.35 18.72
CA LYS B 252 2.45 -9.85 18.72
C LYS B 252 2.83 -10.42 20.09
N GLU B 253 2.29 -9.85 21.17
CA GLU B 253 2.58 -10.35 22.51
C GLU B 253 2.02 -11.77 22.69
N CYS B 254 0.83 -12.04 22.13
CA CYS B 254 0.31 -13.40 22.17
C CYS B 254 1.20 -14.35 21.41
N LEU B 255 1.63 -13.95 20.21
CA LEU B 255 2.64 -14.75 19.51
C LEU B 255 3.85 -14.98 20.40
N LYS B 256 4.34 -13.94 21.09
CA LYS B 256 5.53 -14.12 21.93
C LYS B 256 5.26 -15.10 23.06
N LEU B 257 4.14 -14.92 23.79
CA LEU B 257 3.83 -15.79 24.92
C LEU B 257 3.69 -17.25 24.47
N MET B 258 2.95 -17.48 23.39
CA MET B 258 2.81 -18.85 22.87
C MET B 258 4.14 -19.39 22.35
N LYS B 259 4.93 -18.55 21.69
CA LYS B 259 6.28 -18.95 21.31
C LYS B 259 7.10 -19.36 22.52
N TYR B 260 7.02 -18.56 23.58
CA TYR B 260 7.77 -18.85 24.80
C TYR B 260 7.33 -20.16 25.45
N LEU B 261 6.02 -20.38 25.55
CA LEU B 261 5.54 -21.62 26.14
C LEU B 261 6.10 -22.83 25.38
N LEU B 262 6.12 -22.77 24.05
CA LEU B 262 6.64 -23.92 23.32
C LEU B 262 8.16 -24.05 23.47
N GLU B 263 8.88 -22.92 23.47
CA GLU B 263 10.33 -22.95 23.67
C GLU B 263 10.70 -23.60 24.99
N GLN B 264 10.02 -23.20 26.07
CA GLN B 264 10.35 -23.74 27.37
C GLN B 264 9.98 -25.22 27.48
N LEU B 265 8.91 -25.64 26.81
CA LEU B 265 8.55 -27.05 26.84
C LEU B 265 9.56 -27.89 26.05
N LYS B 266 9.94 -27.42 24.86
CA LYS B 266 10.91 -28.17 24.07
C LYS B 266 12.26 -28.24 24.77
N LYS B 267 12.68 -27.14 25.40
CA LYS B 267 13.90 -27.10 26.21
C LYS B 267 14.00 -28.26 27.17
N GLU B 268 12.87 -28.80 27.59
CA GLU B 268 12.80 -29.71 28.72
C GLU B 268 12.34 -31.10 28.33
N PHE B 269 11.55 -31.22 27.28
CA PHE B 269 10.97 -32.49 26.87
C PHE B 269 11.47 -32.82 25.48
N GLN B 270 12.30 -33.86 25.40
CA GLN B 270 12.76 -34.34 24.10
C GLN B 270 11.60 -34.88 23.28
N GLU B 271 10.48 -35.22 23.92
CA GLU B 271 9.30 -35.71 23.21
C GLU B 271 8.71 -34.67 22.27
N LEU B 272 9.10 -33.40 22.39
CA LEU B 272 8.55 -32.33 21.58
C LEU B 272 9.52 -31.89 20.48
N ASP B 273 10.54 -32.71 20.20
CA ASP B 273 11.51 -32.40 19.16
C ASP B 273 10.84 -32.09 17.83
N ALA B 274 9.72 -32.76 17.52
CA ALA B 274 9.04 -32.62 16.24
C ALA B 274 8.26 -31.31 16.09
N PHE B 275 8.00 -30.60 17.18
CA PHE B 275 7.35 -29.31 17.11
C PHE B 275 8.38 -28.20 16.90
N CYS B 276 7.91 -27.10 16.30
CA CYS B 276 8.74 -25.94 16.03
C CYS B 276 7.90 -24.67 16.16
N SER B 277 8.57 -23.52 16.21
CA SER B 277 7.85 -22.27 16.38
C SER B 277 6.90 -22.02 15.21
N TYR B 278 7.24 -22.49 14.00
CA TYR B 278 6.39 -22.22 12.86
C TYR B 278 5.00 -22.79 13.08
N HIS B 279 4.90 -23.89 13.83
CA HIS B 279 3.59 -24.39 14.22
C HIS B 279 2.80 -23.32 14.96
N VAL B 280 3.44 -22.71 15.97
CA VAL B 280 2.79 -21.64 16.71
C VAL B 280 2.41 -20.48 15.78
N LYS B 281 3.35 -20.08 14.91
CA LYS B 281 3.09 -19.00 13.96
C LYS B 281 1.89 -19.31 13.08
N THR B 282 1.83 -20.55 12.56
CA THR B 282 0.72 -20.92 11.71
C THR B 282 -0.60 -20.89 12.48
N ALA B 283 -0.60 -21.39 13.72
CA ALA B 283 -1.84 -21.35 14.49
C ALA B 283 -2.32 -19.92 14.69
N ILE B 284 -1.40 -18.98 14.93
CA ILE B 284 -1.94 -17.67 15.27
C ILE B 284 -2.43 -16.95 14.00
N PHE B 285 -1.86 -17.25 12.83
CA PHE B 285 -2.43 -16.68 11.61
C PHE B 285 -3.89 -17.10 11.46
N HIS B 286 -4.19 -18.36 11.74
CA HIS B 286 -5.57 -18.82 11.71
C HIS B 286 -6.41 -18.05 12.73
N MET B 287 -5.88 -17.84 13.93
CA MET B 287 -6.64 -17.12 14.94
C MET B 287 -6.85 -15.66 14.54
N TRP B 288 -5.82 -15.04 13.93
CA TRP B 288 -6.00 -13.66 13.49
C TRP B 288 -7.07 -13.57 12.40
N THR B 289 -7.26 -14.66 11.63
CA THR B 289 -8.32 -14.68 10.64
C THR B 289 -9.66 -14.94 11.30
N GLN B 290 -9.69 -15.85 12.27
CA GLN B 290 -10.91 -16.09 13.05
C GLN B 290 -11.41 -14.84 13.74
N ASP B 291 -10.48 -14.03 14.27
CA ASP B 291 -10.78 -12.89 15.14
C ASP B 291 -10.17 -11.64 14.52
N PRO B 292 -10.74 -11.14 13.43
CA PRO B 292 -10.03 -10.07 12.70
C PRO B 292 -10.06 -8.72 13.40
N GLN B 293 -11.06 -8.41 14.22
CA GLN B 293 -11.19 -7.06 14.76
C GLN B 293 -10.09 -6.74 15.77
N ASP B 294 -9.47 -5.57 15.59
CA ASP B 294 -8.38 -5.17 16.47
C ASP B 294 -8.82 -5.18 17.93
N SER B 295 -10.09 -4.89 18.20
CA SER B 295 -10.55 -4.80 19.57
C SER B 295 -10.71 -6.16 20.20
N GLN B 296 -10.67 -7.24 19.40
CA GLN B 296 -10.54 -8.57 19.96
C GLN B 296 -9.13 -8.87 20.39
N TRP B 297 -8.23 -7.93 20.17
CA TRP B 297 -6.84 -8.09 20.58
C TRP B 297 -6.42 -6.89 21.39
N ASP B 298 -7.36 -6.43 22.22
CA ASP B 298 -7.10 -5.28 23.07
C ASP B 298 -6.02 -5.62 24.09
N PRO B 299 -5.13 -4.68 24.39
CA PRO B 299 -4.11 -4.95 25.40
C PRO B 299 -4.70 -5.20 26.77
N ARG B 300 -5.83 -4.58 27.09
CA ARG B 300 -6.54 -4.88 28.34
C ARG B 300 -7.08 -6.31 28.40
N ASN B 301 -6.97 -7.08 27.32
CA ASN B 301 -7.50 -8.44 27.25
C ASN B 301 -6.41 -9.45 26.92
N LEU B 302 -5.17 -9.17 27.35
CA LEU B 302 -4.07 -10.07 27.01
C LEU B 302 -4.34 -11.49 27.50
N SER B 303 -4.86 -11.64 28.72
CA SER B 303 -5.03 -12.96 29.30
C SER B 303 -6.02 -13.81 28.51
N SER B 304 -7.23 -13.28 28.25
CA SER B 304 -8.18 -14.08 27.49
C SER B 304 -7.66 -14.38 26.10
N CYS B 305 -7.08 -13.38 25.42
CA CYS B 305 -6.51 -13.61 24.10
C CYS B 305 -5.50 -14.74 24.10
N PHE B 306 -4.58 -14.73 25.06
CA PHE B 306 -3.65 -15.83 25.20
C PHE B 306 -4.40 -17.12 25.39
N ASP B 307 -5.40 -17.11 26.28
CA ASP B 307 -6.07 -18.36 26.62
C ASP B 307 -6.81 -18.94 25.43
N LYS B 308 -7.40 -18.09 24.59
CA LYS B 308 -8.10 -18.61 23.42
C LYS B 308 -7.14 -19.04 22.34
N LEU B 309 -5.92 -18.51 22.32
CA LEU B 309 -4.89 -19.08 21.45
C LEU B 309 -4.50 -20.48 21.92
N LEU B 310 -4.30 -20.65 23.23
CA LEU B 310 -4.03 -21.98 23.80
C LEU B 310 -5.16 -22.95 23.49
N ALA B 311 -6.40 -22.48 23.63
CA ALA B 311 -7.55 -23.33 23.33
C ALA B 311 -7.54 -23.75 21.86
N PHE B 312 -7.28 -22.82 20.97
CA PHE B 312 -7.25 -23.15 19.54
C PHE B 312 -6.12 -24.12 19.21
N PHE B 313 -4.96 -23.92 19.85
CA PHE B 313 -3.84 -24.81 19.61
C PHE B 313 -4.14 -26.22 20.11
N LEU B 314 -4.81 -26.35 21.27
CA LEU B 314 -5.22 -27.68 21.73
C LEU B 314 -6.22 -28.31 20.77
N GLU B 315 -7.15 -27.53 20.22
CA GLU B 315 -8.09 -28.07 19.24
C GLU B 315 -7.36 -28.61 18.02
N CYS B 316 -6.32 -27.89 17.58
CA CYS B 316 -5.47 -28.38 16.50
C CYS B 316 -4.81 -29.71 16.88
N LEU B 317 -4.19 -29.77 18.06
CA LEU B 317 -3.64 -31.04 18.53
C LEU B 317 -4.72 -32.12 18.61
N ARG B 318 -5.82 -31.82 19.30
CA ARG B 318 -6.84 -32.83 19.55
C ARG B 318 -7.36 -33.43 18.24
N THR B 319 -7.51 -32.60 17.21
CA THR B 319 -7.97 -33.09 15.92
C THR B 319 -6.82 -33.40 14.97
N GLU B 320 -5.57 -33.24 15.40
CA GLU B 320 -4.40 -33.49 14.54
C GLU B 320 -4.48 -32.70 13.23
N LYS B 321 -4.77 -31.42 13.33
CA LYS B 321 -5.09 -30.63 12.14
C LYS B 321 -4.56 -29.20 12.33
N LEU B 322 -3.51 -28.86 11.59
CA LEU B 322 -3.02 -27.48 11.56
C LEU B 322 -2.55 -27.20 10.12
N ASP B 323 -3.44 -26.62 9.33
CA ASP B 323 -3.17 -26.47 7.90
C ASP B 323 -2.26 -25.29 7.60
N HIS B 324 -1.31 -25.53 6.71
CA HIS B 324 -0.44 -24.48 6.22
C HIS B 324 -1.27 -23.26 5.77
N TYR B 325 -0.99 -22.09 6.37
CA TYR B 325 -1.82 -20.92 6.12
C TYR B 325 -1.85 -20.52 4.66
N PHE B 326 -0.87 -20.94 3.87
CA PHE B 326 -0.82 -20.56 2.47
C PHE B 326 -1.19 -21.69 1.54
N ILE B 327 -1.21 -22.92 2.03
CA ILE B 327 -1.34 -24.15 1.25
C ILE B 327 -2.30 -25.03 2.02
N PRO B 328 -3.61 -24.85 1.86
CA PRO B 328 -4.55 -25.40 2.86
C PRO B 328 -4.58 -26.92 2.90
N LYS B 329 -4.28 -27.62 1.81
CA LYS B 329 -4.36 -29.08 1.87
C LYS B 329 -3.25 -29.67 2.73
N PHE B 330 -2.09 -28.99 2.80
CA PHE B 330 -0.91 -29.46 3.53
C PHE B 330 -1.12 -29.36 5.03
N ASN B 331 -1.23 -30.50 5.70
CA ASN B 331 -1.54 -30.58 7.12
C ASN B 331 -0.24 -30.72 7.90
N LEU B 332 0.19 -29.65 8.56
CA LEU B 332 1.42 -29.70 9.35
C LEU B 332 1.31 -30.66 10.52
N PHE B 333 0.09 -31.06 10.91
CA PHE B 333 -0.14 -31.94 12.04
C PHE B 333 -0.59 -33.34 11.62
N SER B 334 -0.34 -33.72 10.38
CA SER B 334 -0.67 -35.06 9.94
C SER B 334 0.12 -36.07 10.73
N GLN B 335 -0.40 -37.31 10.79
CA GLN B 335 0.37 -38.41 11.38
C GLN B 335 1.69 -38.60 10.67
N GLU B 336 1.70 -38.37 9.36
CA GLU B 336 2.88 -38.62 8.55
C GLU B 336 4.08 -37.81 9.02
N LEU B 337 3.86 -36.63 9.60
CA LEU B 337 4.95 -35.76 10.07
C LEU B 337 5.12 -35.74 11.58
N ILE B 338 4.04 -35.72 12.36
CA ILE B 338 4.12 -35.67 13.81
C ILE B 338 3.28 -36.82 14.36
N ASP B 339 3.89 -37.63 15.22
CA ASP B 339 3.22 -38.82 15.71
C ASP B 339 2.06 -38.45 16.62
N ARG B 340 0.99 -39.26 16.53
CA ARG B 340 -0.15 -39.10 17.44
C ARG B 340 0.32 -38.99 18.89
N LYS B 341 1.30 -39.79 19.28
CA LYS B 341 1.80 -39.76 20.65
C LYS B 341 2.36 -38.40 21.00
N SER B 342 3.14 -37.80 20.10
CA SER B 342 3.75 -36.52 20.41
C SER B 342 2.70 -35.44 20.60
N LYS B 343 1.63 -35.48 19.79
CA LYS B 343 0.60 -34.47 19.93
C LYS B 343 -0.13 -34.58 21.26
N GLU B 344 -0.49 -35.80 21.66
CA GLU B 344 -1.14 -35.93 22.97
C GLU B 344 -0.20 -35.61 24.11
N PHE B 345 1.10 -35.89 23.94
CA PHE B 345 2.05 -35.49 24.97
C PHE B 345 2.09 -33.97 25.13
N LEU B 346 2.11 -33.24 24.01
CA LEU B 346 2.14 -31.77 24.10
C LEU B 346 0.84 -31.21 24.66
N SER B 347 -0.30 -31.85 24.35
CA SER B 347 -1.58 -31.40 24.90
C SER B 347 -1.62 -31.58 26.41
N LYS B 348 -1.17 -32.74 26.90
CA LYS B 348 -1.11 -32.96 28.34
C LYS B 348 -0.26 -31.89 29.03
N LYS B 349 0.87 -31.53 28.42
CA LYS B 349 1.76 -30.59 29.08
C LYS B 349 1.21 -29.17 29.02
N ILE B 350 0.62 -28.78 27.89
CA ILE B 350 0.02 -27.46 27.77
C ILE B 350 -1.20 -27.34 28.69
N GLU B 351 -2.12 -28.32 28.60
CA GLU B 351 -3.27 -28.34 29.52
C GLU B 351 -2.81 -28.17 30.96
N TYR B 352 -1.74 -28.87 31.34
CA TYR B 352 -1.16 -28.71 32.66
C TYR B 352 -0.78 -27.26 32.94
N GLU B 353 0.17 -26.71 32.18
CA GLU B 353 0.63 -25.33 32.42
C GLU B 353 -0.52 -24.36 32.42
N ARG B 354 -1.48 -24.57 31.51
CA ARG B 354 -2.67 -23.72 31.45
C ARG B 354 -3.41 -23.71 32.77
N ASN B 355 -3.74 -24.89 33.28
CA ASN B 355 -4.54 -25.00 34.49
C ASN B 355 -3.73 -24.79 35.77
N ASN B 356 -2.43 -24.48 35.69
CA ASN B 356 -1.61 -24.29 36.89
C ASN B 356 -0.95 -22.91 36.94
N GLY B 357 -1.44 -21.95 36.16
CA GLY B 357 -0.89 -20.61 36.21
C GLY B 357 0.46 -20.48 35.55
N PHE B 358 0.79 -21.38 34.63
CA PHE B 358 2.03 -21.34 33.87
C PHE B 358 3.22 -21.34 34.82
N PRO B 359 3.46 -22.44 35.53
CA PRO B 359 4.70 -22.53 36.31
C PRO B 359 5.94 -22.36 35.46
N ILE B 360 5.93 -22.91 34.25
CA ILE B 360 7.14 -22.91 33.44
C ILE B 360 7.56 -21.50 33.04
N PHE B 361 6.65 -20.53 33.09
CA PHE B 361 7.04 -19.15 32.79
C PHE B 361 7.95 -18.56 33.87
N ASP B 362 8.16 -19.26 34.98
CA ASP B 362 8.82 -18.74 36.18
C ASP B 362 10.31 -19.09 36.26
N LYS B 363 10.91 -19.55 35.17
CA LYS B 363 12.30 -20.00 35.23
C LYS B 363 13.12 -19.58 34.02
PG ATP G . -15.77 16.66 -11.67
O1G ATP G . -16.83 15.61 -11.78
O2G ATP G . -15.03 16.89 -12.97
O3G ATP G . -16.27 18.03 -11.19
PB ATP G . -13.07 16.29 -10.56
O1B ATP G . -12.47 16.04 -9.22
O2B ATP G . -12.57 15.40 -11.68
O3B ATP G . -14.63 16.27 -10.63
PA ATP G . -12.01 18.46 -12.17
O1A ATP G . -12.20 19.92 -12.13
O2A ATP G . -12.41 17.64 -13.40
O3A ATP G . -12.76 17.79 -11.01
O5' ATP G . -10.48 18.34 -11.76
C5' ATP G . -9.71 17.15 -11.99
C4' ATP G . -8.71 17.02 -10.87
O4' ATP G . -7.70 18.06 -10.93
C3' ATP G . -9.30 17.15 -9.47
O3' ATP G . -9.80 15.89 -9.02
C2' ATP G . -8.09 17.58 -8.63
O2' ATP G . -7.32 16.45 -8.22
C1' ATP G . -7.34 18.48 -9.63
N9 ATP G . -7.72 19.88 -9.47
C8 ATP G . -8.78 20.51 -10.05
N7 ATP G . -8.92 21.76 -9.70
C5 ATP G . -7.89 21.97 -8.81
C6 ATP G . -7.48 23.10 -8.07
N6 ATP G . -8.09 24.29 -8.12
N1 ATP G . -6.40 22.97 -7.26
C2 ATP G . -5.78 21.78 -7.20
N3 ATP G . -6.08 20.65 -7.85
C4 ATP G . -7.14 20.81 -8.65
ZN ZN H . -15.99 2.73 2.23
MN MN I . -13.48 15.49 -13.88
MN MN J . -11.48 18.76 -15.45
PG ATP K . 12.05 -18.11 16.01
O1G ATP K . 13.43 -18.40 15.47
O2G ATP K . 11.42 -19.37 16.66
O3G ATP K . 12.04 -16.89 16.90
PB ATP K . 11.04 -17.78 13.29
O1B ATP K . 12.07 -16.88 12.71
O2B ATP K . 9.63 -17.59 12.80
O3B ATP K . 11.09 -17.74 14.84
PA ATP K . 12.53 -20.03 12.25
O1A ATP K . 12.66 -21.46 12.60
O2A ATP K . 13.74 -19.11 12.44
O3A ATP K . 11.42 -19.29 13.03
O5' ATP K . 11.98 -19.83 10.78
C5' ATP K . 12.35 -18.68 10.00
C4' ATP K . 11.27 -18.47 8.99
O4' ATP K . 11.32 -19.56 8.04
C3' ATP K . 9.85 -18.53 9.55
O3' ATP K . 9.43 -17.27 10.08
C2' ATP K . 9.04 -18.96 8.32
O2' ATP K . 8.76 -17.86 7.46
C1' ATP K . 10.01 -19.93 7.64
N9 ATP K . 9.77 -21.33 8.02
C8 ATP K . 10.29 -22.03 9.07
N7 ATP K . 9.84 -23.27 9.15
C5 ATP K . 8.96 -23.38 8.08
C6 ATP K . 8.14 -24.42 7.62
N6 ATP K . 8.09 -25.65 8.17
N1 ATP K . 7.36 -24.18 6.53
C2 ATP K . 7.40 -22.97 5.96
N3 ATP K . 8.13 -21.91 6.32
C4 ATP K . 8.90 -22.18 7.38
ZN ZN L . -1.52 -3.97 16.29
MN MN M . 14.26 -17.16 13.62
MN MN N . 15.71 -20.31 11.54
#